data_5SOA
#
_entry.id   5SOA
#
_cell.length_a   137.570
_cell.length_b   65.290
_cell.length_c   84.290
_cell.angle_alpha   90.000
_cell.angle_beta   93.650
_cell.angle_gamma   90.000
#
_symmetry.space_group_name_H-M   'C 1 2 1'
#
loop_
_entity.id
_entity.type
_entity.pdbx_description
1 polymer '3-oxoacyl-[acyl-carrier-protein] synthase 2'
2 non-polymer (2R)-4-(1H-pyrazol-1-yl)butan-2-ol
3 non-polymer 'DIMETHYL SULFOXIDE'
4 non-polymer 'PHOSPHATE ION'
5 water water
#
_entity_poly.entity_id   1
_entity_poly.type   'polypeptide(L)'
_entity_poly.pdbx_seq_one_letter_code
;MSRRRVVITGMGMLSPLGLDVPSSWEGILAGRSGIAPIEHMDLSAYSTRFGGSVKGFNVEEYLSAKEARKLDLFIQYGLA
ASFQAVRDSGLEVTDANRERIGVSMGSGIGGLTNIENNCRSLFEQGPRRISPFFVPGSIINMVSGFLSIHLGLQGPNYAL
TTAQTTGTHSIGMAARNIAYGEADVMVAGGSEMAACGLGLGGFGAARALSTRNDEPTRASRPWDRDRDGFVLSDGSGALV
LEELEHARARGARIYAELVGFGMSGDAFHMTAPPEDGAGAARCMKNALRDAGLDPRQVDYINAHGTSTPAGDIAEIAAVK
SVFGEHAHALSMSSTKSMTGHLLGAAGAVEAIFSVLALRDQVAPPTINLDNPDEGCDLDLVAHEAKPRKIDVALSNSFGF
GGTNGTLVFRRFAD
;
_entity_poly.pdbx_strand_id   A,B
#
loop_
_chem_comp.id
_chem_comp.type
_chem_comp.name
_chem_comp.formula
DMS non-polymer 'DIMETHYL SULFOXIDE' 'C2 H6 O S'
PO4 non-polymer 'PHOSPHATE ION' 'O4 P -3'
Q7E non-polymer (2R)-4-(1H-pyrazol-1-yl)butan-2-ol 'C7 H12 N2 O'
#
# COMPACT_ATOMS: atom_id res chain seq x y z
N SER A 2 16.74 19.95 5.12
CA SER A 2 16.50 20.46 3.72
C SER A 2 16.66 19.32 2.70
N ARG A 3 16.03 19.42 1.53
CA ARG A 3 15.77 18.25 0.65
C ARG A 3 17.09 17.70 0.08
N ARG A 4 17.36 16.43 0.32
CA ARG A 4 18.61 15.77 -0.14
C ARG A 4 18.42 15.16 -1.52
N ARG A 5 19.52 14.93 -2.23
CA ARG A 5 19.53 14.29 -3.58
C ARG A 5 19.55 12.78 -3.43
N VAL A 6 18.97 12.08 -4.39
CA VAL A 6 18.74 10.62 -4.31
C VAL A 6 19.28 9.97 -5.57
N VAL A 7 20.13 8.95 -5.39
CA VAL A 7 20.73 8.23 -6.55
C VAL A 7 20.36 6.75 -6.46
N ILE A 8 20.56 6.06 -7.57
CA ILE A 8 20.28 4.61 -7.71
C ILE A 8 21.66 3.92 -7.71
N THR A 9 21.85 3.03 -6.74
CA THR A 9 23.14 2.33 -6.52
C THR A 9 23.00 0.82 -6.73
N GLY A 10 21.79 0.29 -6.89
CA GLY A 10 21.60 -1.17 -7.04
C GLY A 10 20.27 -1.46 -7.70
N MET A 11 20.23 -2.50 -8.55
CA MET A 11 18.96 -2.87 -9.19
C MET A 11 18.86 -4.40 -9.29
N GLY A 12 17.65 -4.90 -9.26
CA GLY A 12 17.36 -6.35 -9.28
C GLY A 12 16.05 -6.59 -9.99
N MET A 13 15.89 -7.77 -10.59
CA MET A 13 14.72 -8.01 -11.45
C MET A 13 14.49 -9.50 -11.66
N LEU A 14 13.23 -9.90 -11.69
CA LEU A 14 12.73 -11.08 -12.41
C LEU A 14 11.70 -10.59 -13.42
N SER A 15 11.83 -11.03 -14.65
CA SER A 15 10.86 -10.61 -15.69
C SER A 15 10.62 -11.79 -16.62
N PRO A 16 9.63 -11.67 -17.52
CA PRO A 16 9.47 -12.67 -18.58
C PRO A 16 10.65 -12.76 -19.54
N LEU A 17 11.64 -11.85 -19.45
CA LEU A 17 12.81 -11.90 -20.35
C LEU A 17 14.04 -12.44 -19.65
N GLY A 18 14.01 -12.58 -18.32
CA GLY A 18 15.23 -13.05 -17.64
C GLY A 18 15.13 -13.12 -16.14
N LEU A 19 16.04 -13.85 -15.50
CA LEU A 19 16.03 -14.05 -14.03
C LEU A 19 16.91 -13.03 -13.33
N ASP A 20 17.33 -11.99 -14.04
CA ASP A 20 18.08 -10.84 -13.46
C ASP A 20 18.01 -9.64 -14.41
N VAL A 21 18.68 -8.57 -14.02
CA VAL A 21 18.67 -7.34 -14.82
C VAL A 21 19.41 -7.54 -16.12
N PRO A 22 20.70 -7.95 -16.17
CA PRO A 22 21.40 -8.00 -17.45
C PRO A 22 20.74 -8.90 -18.51
N SER A 23 20.28 -10.07 -18.11
CA SER A 23 19.60 -11.01 -19.03
C SER A 23 18.30 -10.37 -19.55
N SER A 24 17.55 -9.71 -18.67
CA SER A 24 16.31 -9.03 -19.10
C SER A 24 16.62 -7.92 -20.10
N TRP A 25 17.58 -7.06 -19.78
CA TRP A 25 17.95 -5.91 -20.63
C TRP A 25 18.49 -6.36 -22.01
N GLU A 26 19.24 -7.47 -22.04
N GLU A 26 19.25 -7.46 -22.05
CA GLU A 26 19.72 -8.09 -23.30
CA GLU A 26 19.71 -8.07 -23.33
C GLU A 26 18.50 -8.42 -24.18
C GLU A 26 18.47 -8.39 -24.18
N GLY A 27 17.46 -9.00 -23.58
CA GLY A 27 16.21 -9.32 -24.30
C GLY A 27 15.52 -8.05 -24.76
N ILE A 28 15.44 -7.04 -23.89
CA ILE A 28 14.85 -5.73 -24.26
C ILE A 28 15.55 -5.15 -25.49
N LEU A 29 16.87 -5.11 -25.48
CA LEU A 29 17.59 -4.43 -26.58
C LEU A 29 17.53 -5.26 -27.87
N ALA A 30 17.28 -6.58 -27.76
CA ALA A 30 17.22 -7.50 -28.91
C ALA A 30 15.80 -7.56 -29.47
N GLY A 31 14.83 -6.93 -28.82
CA GLY A 31 13.44 -6.92 -29.33
C GLY A 31 12.76 -8.25 -29.07
N ARG A 32 13.20 -9.00 -28.07
CA ARG A 32 12.68 -10.35 -27.78
C ARG A 32 11.38 -10.24 -26.99
N SER A 33 10.38 -11.06 -27.33
CA SER A 33 9.13 -11.27 -26.56
C SER A 33 9.32 -12.33 -25.46
N GLY A 34 8.82 -12.02 -24.25
CA GLY A 34 8.77 -12.91 -23.11
C GLY A 34 7.40 -13.57 -23.01
N ILE A 35 6.53 -13.41 -24.00
CA ILE A 35 5.12 -13.87 -23.89
C ILE A 35 4.96 -15.23 -24.56
N ALA A 36 4.20 -16.09 -23.92
CA ALA A 36 3.98 -17.49 -24.34
C ALA A 36 2.74 -18.05 -23.69
N PRO A 37 2.18 -19.14 -24.25
CA PRO A 37 1.08 -19.84 -23.63
C PRO A 37 1.53 -20.25 -22.22
N ILE A 38 0.62 -20.05 -21.28
CA ILE A 38 0.84 -20.39 -19.87
C ILE A 38 0.85 -21.91 -19.71
N GLU A 39 1.88 -22.40 -19.04
CA GLU A 39 2.06 -23.86 -18.82
C GLU A 39 1.61 -24.30 -17.42
N HIS A 40 1.55 -23.42 -16.43
CA HIS A 40 1.43 -23.80 -14.99
C HIS A 40 -0.01 -24.17 -14.64
N MET A 41 -0.99 -23.84 -15.47
CA MET A 41 -2.41 -24.21 -15.22
C MET A 41 -3.13 -24.44 -16.55
N ASP A 42 -4.26 -25.15 -16.48
CA ASP A 42 -5.14 -25.48 -17.63
C ASP A 42 -6.13 -24.32 -17.88
N LEU A 43 -5.94 -23.56 -18.96
CA LEU A 43 -6.76 -22.35 -19.23
C LEU A 43 -7.71 -22.61 -20.40
N SER A 44 -8.11 -23.85 -20.69
CA SER A 44 -9.00 -24.09 -21.87
C SER A 44 -10.35 -23.35 -21.74
N ALA A 45 -10.88 -23.12 -20.53
CA ALA A 45 -12.17 -22.44 -20.29
C ALA A 45 -12.02 -20.90 -20.31
N TYR A 46 -10.78 -20.40 -20.39
CA TYR A 46 -10.46 -18.95 -20.32
C TYR A 46 -10.36 -18.36 -21.73
N SER A 47 -10.74 -17.09 -21.87
CA SER A 47 -10.61 -16.33 -23.15
C SER A 47 -9.16 -15.90 -23.44
N THR A 48 -8.27 -15.92 -22.44
CA THR A 48 -6.83 -15.60 -22.60
C THR A 48 -6.05 -16.75 -21.96
N ARG A 49 -5.11 -17.32 -22.70
CA ARG A 49 -4.38 -18.54 -22.25
C ARG A 49 -2.87 -18.34 -22.27
N PHE A 50 -2.38 -17.12 -22.34
CA PHE A 50 -0.96 -16.78 -22.45
C PHE A 50 -0.67 -15.56 -21.57
N GLY A 51 0.62 -15.32 -21.37
CA GLY A 51 1.09 -14.15 -20.62
C GLY A 51 2.59 -14.21 -20.50
N GLY A 52 3.15 -13.29 -19.69
CA GLY A 52 4.60 -13.26 -19.45
C GLY A 52 4.97 -13.92 -18.15
N SER A 53 5.34 -15.20 -18.20
CA SER A 53 5.74 -15.99 -17.03
C SER A 53 7.21 -15.74 -16.76
N VAL A 54 7.62 -15.85 -15.51
CA VAL A 54 9.05 -15.94 -15.16
C VAL A 54 9.44 -17.40 -15.43
N LYS A 55 10.43 -17.64 -16.26
CA LYS A 55 10.79 -19.01 -16.69
C LYS A 55 11.98 -19.49 -15.88
N GLY A 56 11.85 -20.64 -15.25
CA GLY A 56 13.01 -21.30 -14.63
C GLY A 56 13.45 -20.62 -13.34
N PHE A 57 12.53 -19.93 -12.64
CA PHE A 57 12.87 -19.27 -11.35
C PHE A 57 13.27 -20.33 -10.33
N ASN A 58 14.43 -20.14 -9.73
CA ASN A 58 14.88 -21.06 -8.67
C ASN A 58 14.95 -20.30 -7.35
N VAL A 59 13.93 -20.47 -6.50
CA VAL A 59 13.83 -19.75 -5.21
C VAL A 59 14.99 -20.18 -4.29
N GLU A 60 15.51 -21.37 -4.48
CA GLU A 60 16.69 -21.85 -3.69
C GLU A 60 18.01 -21.16 -4.10
N GLU A 61 18.03 -20.19 -5.02
CA GLU A 61 19.15 -19.24 -5.17
C GLU A 61 19.09 -18.19 -4.06
N TYR A 62 17.99 -18.11 -3.33
CA TYR A 62 17.67 -16.97 -2.43
C TYR A 62 17.28 -17.46 -1.05
N LEU A 63 16.41 -18.46 -0.96
CA LEU A 63 15.74 -18.84 0.29
C LEU A 63 15.79 -20.35 0.42
N SER A 64 15.77 -20.85 1.65
CA SER A 64 15.55 -22.27 1.94
C SER A 64 14.18 -22.74 1.42
N ALA A 65 14.09 -23.99 0.98
CA ALA A 65 12.83 -24.57 0.49
C ALA A 65 11.82 -24.51 1.63
N LYS A 66 12.29 -24.65 2.87
CA LYS A 66 11.41 -24.63 4.09
C LYS A 66 10.63 -23.31 4.16
N GLU A 67 11.31 -22.17 3.99
N GLU A 67 11.33 -22.20 3.98
CA GLU A 67 10.69 -20.82 4.06
CA GLU A 67 10.73 -20.85 4.01
C GLU A 67 9.93 -20.55 2.75
C GLU A 67 9.90 -20.62 2.75
N ALA A 68 10.48 -20.94 1.59
CA ALA A 68 9.83 -20.64 0.28
C ALA A 68 8.42 -21.22 0.25
N ARG A 69 8.22 -22.41 0.82
N ARG A 69 8.22 -22.39 0.84
CA ARG A 69 6.92 -23.13 0.83
CA ARG A 69 6.93 -23.12 0.82
C ARG A 69 5.83 -22.28 1.51
C ARG A 69 5.83 -22.33 1.56
N LYS A 70 6.20 -21.39 2.43
CA LYS A 70 5.22 -20.56 3.19
C LYS A 70 4.80 -19.31 2.40
N LEU A 71 5.46 -18.99 1.30
CA LEU A 71 5.37 -17.63 0.69
C LEU A 71 4.75 -17.69 -0.69
N ASP A 72 3.74 -16.85 -0.93
CA ASP A 72 3.23 -16.69 -2.32
C ASP A 72 4.38 -16.37 -3.26
N LEU A 73 4.22 -16.79 -4.53
CA LEU A 73 5.19 -16.42 -5.57
C LEU A 73 5.44 -14.91 -5.60
N PHE A 74 4.46 -14.04 -5.43
CA PHE A 74 4.76 -12.57 -5.54
C PHE A 74 5.78 -12.15 -4.44
N ILE A 75 5.72 -12.80 -3.27
CA ILE A 75 6.74 -12.55 -2.21
C ILE A 75 8.07 -13.14 -2.62
N GLN A 76 8.12 -14.38 -3.11
CA GLN A 76 9.38 -14.97 -3.58
C GLN A 76 10.01 -14.08 -4.65
N TYR A 77 9.23 -13.53 -5.59
CA TYR A 77 9.78 -12.73 -6.69
C TYR A 77 10.30 -11.40 -6.13
N GLY A 78 9.53 -10.78 -5.24
CA GLY A 78 9.96 -9.48 -4.66
C GLY A 78 11.21 -9.63 -3.81
N LEU A 79 11.33 -10.70 -3.04
CA LEU A 79 12.59 -10.97 -2.30
C LEU A 79 13.74 -11.22 -3.26
N ALA A 80 13.56 -12.01 -4.32
CA ALA A 80 14.61 -12.27 -5.32
C ALA A 80 15.14 -10.94 -5.88
N ALA A 81 14.25 -10.09 -6.37
CA ALA A 81 14.67 -8.79 -6.95
C ALA A 81 15.37 -7.94 -5.87
N SER A 82 14.83 -7.88 -4.65
CA SER A 82 15.40 -7.09 -3.52
C SER A 82 16.81 -7.59 -3.19
N PHE A 83 16.97 -8.91 -3.06
CA PHE A 83 18.32 -9.45 -2.75
C PHE A 83 19.32 -9.10 -3.87
N GLN A 84 18.92 -9.22 -5.12
CA GLN A 84 19.77 -8.85 -6.26
C GLN A 84 20.17 -7.38 -6.10
N ALA A 85 19.22 -6.51 -5.82
CA ALA A 85 19.46 -5.06 -5.80
C ALA A 85 20.43 -4.71 -4.65
N VAL A 86 20.21 -5.30 -3.48
CA VAL A 86 21.08 -5.02 -2.31
C VAL A 86 22.51 -5.50 -2.63
N ARG A 87 22.65 -6.70 -3.19
CA ARG A 87 23.99 -7.24 -3.56
C ARG A 87 24.64 -6.32 -4.60
N ASP A 88 23.88 -5.93 -5.63
CA ASP A 88 24.37 -5.04 -6.71
C ASP A 88 24.87 -3.71 -6.11
N SER A 89 24.25 -3.23 -5.03
CA SER A 89 24.59 -1.93 -4.43
C SER A 89 25.96 -1.98 -3.78
N GLY A 90 26.38 -3.16 -3.31
CA GLY A 90 27.59 -3.29 -2.47
C GLY A 90 27.40 -2.84 -1.03
N LEU A 91 26.23 -2.34 -0.65
CA LEU A 91 26.01 -1.77 0.69
C LEU A 91 26.16 -2.87 1.76
N GLU A 92 26.88 -2.57 2.85
CA GLU A 92 26.96 -3.48 4.02
C GLU A 92 26.07 -2.90 5.10
N VAL A 93 25.09 -3.69 5.54
CA VAL A 93 24.17 -3.37 6.66
C VAL A 93 24.92 -3.63 7.97
N THR A 94 24.95 -2.61 8.85
CA THR A 94 25.65 -2.65 10.15
C THR A 94 24.75 -2.13 11.25
N ASP A 95 25.16 -2.34 12.50
CA ASP A 95 24.46 -1.68 13.62
C ASP A 95 24.47 -0.16 13.41
N ALA A 96 25.50 0.42 12.78
CA ALA A 96 25.67 1.89 12.60
C ALA A 96 24.62 2.45 11.62
N ASN A 97 24.13 1.64 10.66
CA ASN A 97 23.24 2.19 9.60
C ASN A 97 21.92 1.44 9.52
N ARG A 98 21.68 0.37 10.26
CA ARG A 98 20.48 -0.47 9.95
C ARG A 98 19.22 0.33 10.26
N GLU A 99 19.26 1.32 11.16
CA GLU A 99 18.03 2.09 11.48
C GLU A 99 17.73 3.08 10.35
N ARG A 100 18.65 3.29 9.43
CA ARG A 100 18.52 4.32 8.36
C ARG A 100 18.25 3.66 7.01
N ILE A 101 18.08 2.35 7.00
CA ILE A 101 17.78 1.57 5.75
C ILE A 101 16.39 0.98 5.87
N GLY A 102 15.49 1.33 4.96
CA GLY A 102 14.12 0.78 4.98
C GLY A 102 13.77 0.13 3.65
N VAL A 103 12.50 -0.20 3.49
CA VAL A 103 12.04 -0.95 2.30
C VAL A 103 10.60 -0.56 2.02
N SER A 104 10.30 -0.42 0.77
CA SER A 104 8.95 -0.14 0.25
C SER A 104 8.80 -0.91 -1.05
N MET A 105 8.42 -2.18 -0.90
CA MET A 105 8.13 -3.07 -2.05
C MET A 105 6.61 -3.31 -2.07
N GLY A 106 5.99 -2.96 -3.18
CA GLY A 106 4.53 -2.99 -3.29
C GLY A 106 4.03 -4.09 -4.23
N SER A 107 2.71 -4.22 -4.28
CA SER A 107 2.03 -5.13 -5.23
C SER A 107 0.64 -4.59 -5.54
N GLY A 108 0.16 -4.85 -6.74
CA GLY A 108 -1.23 -4.49 -7.12
C GLY A 108 -2.23 -5.43 -6.50
N ILE A 109 -1.96 -6.74 -6.61
CA ILE A 109 -2.93 -7.82 -6.25
C ILE A 109 -2.38 -8.73 -5.14
N GLY A 110 -1.07 -8.82 -4.94
CA GLY A 110 -0.49 -9.64 -3.90
C GLY A 110 -0.79 -11.11 -4.11
N GLY A 111 -1.03 -11.84 -3.06
CA GLY A 111 -0.84 -13.30 -3.06
C GLY A 111 -2.10 -14.01 -3.50
N LEU A 112 -2.61 -13.63 -4.68
CA LEU A 112 -3.91 -14.14 -5.18
C LEU A 112 -3.81 -15.67 -5.38
N THR A 113 -2.68 -16.21 -5.85
CA THR A 113 -2.52 -17.68 -6.04
C THR A 113 -2.73 -18.37 -4.70
N ASN A 114 -2.03 -17.90 -3.67
CA ASN A 114 -2.18 -18.49 -2.31
C ASN A 114 -3.61 -18.32 -1.81
N ILE A 115 -4.27 -17.19 -2.06
CA ILE A 115 -5.63 -16.96 -1.51
C ILE A 115 -6.59 -17.93 -2.22
N GLU A 116 -6.41 -18.12 -3.52
CA GLU A 116 -7.27 -18.99 -4.35
C GLU A 116 -7.08 -20.43 -3.84
N ASN A 117 -5.83 -20.86 -3.59
CA ASN A 117 -5.51 -22.24 -3.18
C ASN A 117 -6.10 -22.51 -1.80
N ASN A 118 -6.06 -21.54 -0.89
CA ASN A 118 -6.65 -21.67 0.45
C ASN A 118 -8.17 -21.58 0.34
N CYS A 119 -8.70 -20.77 -0.59
CA CYS A 119 -10.16 -20.73 -0.81
C CYS A 119 -10.63 -22.11 -1.27
N ARG A 120 -9.87 -22.81 -2.10
CA ARG A 120 -10.16 -24.17 -2.61
C ARG A 120 -10.23 -25.13 -1.41
N SER A 121 -9.20 -25.11 -0.56
CA SER A 121 -9.16 -25.86 0.73
C SER A 121 -10.40 -25.58 1.60
N LEU A 122 -10.75 -24.31 1.81
CA LEU A 122 -11.88 -23.90 2.64
C LEU A 122 -13.14 -24.55 2.07
N PHE A 123 -13.37 -24.42 0.76
CA PHE A 123 -14.66 -24.83 0.15
C PHE A 123 -14.72 -26.35 -0.03
N GLU A 124 -13.62 -27.00 -0.33
CA GLU A 124 -13.59 -28.44 -0.69
C GLU A 124 -13.51 -29.23 0.62
N GLN A 125 -12.74 -28.76 1.59
CA GLN A 125 -12.45 -29.51 2.83
C GLN A 125 -13.12 -28.85 4.03
N GLY A 126 -12.76 -27.60 4.32
CA GLY A 126 -13.18 -26.88 5.51
C GLY A 126 -12.08 -25.94 5.98
N PRO A 127 -12.42 -25.06 6.94
CA PRO A 127 -11.50 -24.07 7.45
C PRO A 127 -10.28 -24.69 8.13
N ARG A 128 -10.40 -25.94 8.63
CA ARG A 128 -9.26 -26.60 9.34
C ARG A 128 -8.10 -26.90 8.39
N ARG A 129 -8.33 -26.79 7.06
CA ARG A 129 -7.26 -27.03 6.09
C ARG A 129 -6.66 -25.73 5.56
N ILE A 130 -7.08 -24.58 6.06
CA ILE A 130 -6.41 -23.29 5.67
C ILE A 130 -5.01 -23.30 6.30
N SER A 131 -4.00 -22.93 5.54
CA SER A 131 -2.59 -22.89 6.00
C SER A 131 -2.47 -21.94 7.19
N PRO A 132 -1.75 -22.31 8.26
CA PRO A 132 -1.35 -21.36 9.31
C PRO A 132 -0.55 -20.15 8.77
N PHE A 133 0.07 -20.31 7.61
CA PHE A 133 0.90 -19.25 6.96
C PHE A 133 0.04 -18.46 5.96
N PHE A 134 -1.29 -18.68 5.90
CA PHE A 134 -2.14 -18.02 4.87
C PHE A 134 -1.97 -16.49 4.92
N VAL A 135 -2.07 -15.88 6.09
CA VAL A 135 -2.03 -14.40 6.18
C VAL A 135 -0.61 -13.90 5.92
N PRO A 136 0.44 -14.26 6.71
CA PRO A 136 1.75 -13.69 6.48
C PRO A 136 2.36 -14.13 5.14
N GLY A 137 1.88 -15.22 4.55
CA GLY A 137 2.41 -15.69 3.25
C GLY A 137 1.70 -15.09 2.04
N SER A 138 0.71 -14.23 2.23
CA SER A 138 -0.13 -13.72 1.11
C SER A 138 -0.22 -12.19 1.11
N ILE A 139 -0.22 -11.54 2.26
CA ILE A 139 -0.57 -10.09 2.30
C ILE A 139 0.60 -9.25 1.81
N ILE A 140 0.25 -8.09 1.25
CA ILE A 140 1.14 -7.34 0.34
C ILE A 140 2.39 -6.79 1.06
N ASN A 141 2.27 -6.44 2.34
CA ASN A 141 3.40 -5.81 3.07
C ASN A 141 4.50 -6.81 3.40
N MET A 142 4.36 -8.09 3.04
CA MET A 142 5.32 -9.10 3.58
C MET A 142 6.55 -9.24 2.68
N VAL A 143 6.65 -8.57 1.51
CA VAL A 143 7.95 -8.43 0.82
C VAL A 143 8.81 -7.53 1.70
N SER A 144 8.27 -6.36 2.03
CA SER A 144 8.97 -5.40 2.95
C SER A 144 9.29 -6.10 4.27
N GLY A 145 8.34 -6.81 4.84
CA GLY A 145 8.51 -7.48 6.14
C GLY A 145 9.61 -8.52 6.07
N PHE A 146 9.52 -9.46 5.11
CA PHE A 146 10.49 -10.59 5.02
C PHE A 146 11.87 -10.02 4.65
N LEU A 147 11.97 -9.02 3.78
CA LEU A 147 13.27 -8.48 3.40
C LEU A 147 13.93 -7.90 4.65
N SER A 148 13.16 -7.13 5.43
N SER A 148 13.16 -7.13 5.41
CA SER A 148 13.65 -6.49 6.67
CA SER A 148 13.63 -6.48 6.68
C SER A 148 14.16 -7.55 7.65
C SER A 148 14.17 -7.55 7.64
N ILE A 149 13.45 -8.66 7.79
CA ILE A 149 13.80 -9.74 8.75
C ILE A 149 15.10 -10.38 8.28
N HIS A 150 15.23 -10.65 6.98
CA HIS A 150 16.43 -11.37 6.43
C HIS A 150 17.68 -10.48 6.45
N LEU A 151 17.55 -9.17 6.13
CA LEU A 151 18.73 -8.27 6.05
C LEU A 151 18.92 -7.41 7.31
N GLY A 152 17.98 -7.37 8.25
CA GLY A 152 18.05 -6.56 9.49
C GLY A 152 17.78 -5.09 9.23
N LEU A 153 16.87 -4.76 8.28
CA LEU A 153 16.56 -3.35 7.95
C LEU A 153 15.54 -2.80 8.96
N GLN A 154 15.89 -1.72 9.64
CA GLN A 154 15.05 -1.22 10.75
C GLN A 154 14.48 0.16 10.42
N GLY A 155 14.77 0.69 9.24
CA GLY A 155 14.18 1.94 8.72
C GLY A 155 12.69 1.78 8.42
N PRO A 156 12.11 2.83 7.82
CA PRO A 156 10.71 2.80 7.40
C PRO A 156 10.45 1.52 6.58
N ASN A 157 9.38 0.87 6.95
CA ASN A 157 9.00 -0.46 6.45
C ASN A 157 7.54 -0.36 6.05
N TYR A 158 7.26 -0.30 4.76
CA TYR A 158 5.85 -0.18 4.31
C TYR A 158 5.69 -0.76 2.92
N ALA A 159 4.48 -0.66 2.43
CA ALA A 159 4.11 -1.16 1.09
C ALA A 159 2.97 -0.32 0.55
N LEU A 160 3.08 0.03 -0.71
CA LEU A 160 2.00 0.70 -1.47
C LEU A 160 1.23 -0.37 -2.22
N THR A 161 -0.02 -0.07 -2.49
CA THR A 161 -0.82 -0.84 -3.45
C THR A 161 -1.68 0.14 -4.23
N THR A 162 -1.24 0.48 -5.43
CA THR A 162 -1.90 1.47 -6.31
C THR A 162 -2.00 0.86 -7.68
N ALA A 163 -2.44 -0.40 -7.71
CA ALA A 163 -2.75 -1.13 -8.94
C ALA A 163 -1.56 -1.03 -9.89
N GLN A 164 -1.75 -0.65 -11.16
CA GLN A 164 -0.68 -0.66 -12.19
C GLN A 164 0.32 0.48 -11.97
N THR A 165 0.11 1.32 -10.98
CA THR A 165 1.01 2.47 -10.67
C THR A 165 1.93 2.13 -9.50
N THR A 166 1.75 0.96 -8.90
CA THR A 166 2.41 0.61 -7.61
C THR A 166 3.92 0.78 -7.68
N GLY A 167 4.59 0.22 -8.68
CA GLY A 167 6.07 0.22 -8.66
C GLY A 167 6.63 1.62 -8.76
N THR A 168 5.98 2.47 -9.52
CA THR A 168 6.42 3.86 -9.71
C THR A 168 6.19 4.68 -8.44
N HIS A 169 5.00 4.56 -7.85
CA HIS A 169 4.71 5.22 -6.56
C HIS A 169 5.68 4.72 -5.50
N SER A 170 5.97 3.42 -5.49
CA SER A 170 6.84 2.86 -4.43
C SER A 170 8.21 3.53 -4.50
N ILE A 171 8.77 3.60 -5.69
CA ILE A 171 10.11 4.21 -5.88
C ILE A 171 10.06 5.69 -5.55
N GLY A 172 9.07 6.44 -6.04
CA GLY A 172 8.99 7.87 -5.77
C GLY A 172 8.89 8.21 -4.29
N MET A 173 8.00 7.52 -3.58
N MET A 173 8.04 7.50 -3.56
CA MET A 173 7.74 7.79 -2.14
CA MET A 173 7.77 7.82 -2.15
C MET A 173 9.00 7.39 -1.35
C MET A 173 8.95 7.34 -1.29
N ALA A 174 9.63 6.26 -1.71
CA ALA A 174 10.92 5.85 -1.09
C ALA A 174 11.93 6.98 -1.32
N ALA A 175 12.01 7.54 -2.53
CA ALA A 175 12.93 8.69 -2.78
C ALA A 175 12.59 9.87 -1.87
N ARG A 176 11.33 10.21 -1.69
CA ARG A 176 10.91 11.30 -0.77
C ARG A 176 11.36 10.98 0.66
N ASN A 177 11.24 9.74 1.09
CA ASN A 177 11.70 9.35 2.46
C ASN A 177 13.17 9.78 2.63
N ILE A 178 13.98 9.50 1.62
CA ILE A 178 15.43 9.78 1.66
C ILE A 178 15.61 11.29 1.54
N ALA A 179 14.92 11.94 0.59
CA ALA A 179 15.03 13.38 0.35
C ALA A 179 14.78 14.16 1.64
N TYR A 180 13.79 13.75 2.43
CA TYR A 180 13.33 14.49 3.61
C TYR A 180 14.06 14.03 4.87
N GLY A 181 14.96 13.05 4.79
CA GLY A 181 15.81 12.63 5.93
C GLY A 181 15.21 11.55 6.81
N GLU A 182 14.15 10.86 6.38
CA GLU A 182 13.47 9.78 7.13
C GLU A 182 14.31 8.51 7.00
N ALA A 183 15.11 8.40 5.94
CA ALA A 183 16.03 7.28 5.68
C ALA A 183 17.20 7.77 4.85
N ASP A 184 18.31 7.02 4.86
CA ASP A 184 19.43 7.28 3.96
C ASP A 184 19.40 6.31 2.79
N VAL A 185 18.82 5.13 3.01
CA VAL A 185 18.79 4.09 1.95
C VAL A 185 17.41 3.45 1.99
N MET A 186 16.83 3.18 0.82
CA MET A 186 15.58 2.44 0.73
C MET A 186 15.72 1.42 -0.39
N VAL A 187 15.18 0.22 -0.16
CA VAL A 187 14.96 -0.74 -1.27
C VAL A 187 13.50 -0.58 -1.69
N ALA A 188 13.25 -0.26 -2.93
CA ALA A 188 11.87 0.08 -3.35
C ALA A 188 11.60 -0.51 -4.72
N GLY A 189 10.35 -0.80 -4.97
CA GLY A 189 9.91 -1.36 -6.26
C GLY A 189 8.62 -2.12 -6.06
N GLY A 190 8.43 -3.19 -6.80
CA GLY A 190 7.20 -3.96 -6.68
C GLY A 190 7.35 -5.37 -7.23
N SER A 191 6.31 -6.18 -7.04
CA SER A 191 6.30 -7.59 -7.48
C SER A 191 4.86 -8.01 -7.71
N GLU A 192 4.68 -8.96 -8.58
CA GLU A 192 3.32 -9.39 -8.96
C GLU A 192 3.38 -10.79 -9.51
N MET A 193 2.42 -11.62 -9.14
N MET A 193 2.44 -11.60 -9.07
CA MET A 193 2.15 -12.92 -9.82
CA MET A 193 2.10 -12.93 -9.66
C MET A 193 0.65 -13.18 -9.74
C MET A 193 0.58 -13.06 -9.64
N ALA A 194 -0.08 -12.60 -10.71
CA ALA A 194 -1.54 -12.59 -10.74
C ALA A 194 -2.06 -13.68 -11.67
N ALA A 195 -1.18 -14.55 -12.17
CA ALA A 195 -1.55 -15.55 -13.20
C ALA A 195 -2.07 -16.80 -12.47
N CYS A 196 -3.23 -16.64 -11.89
CA CYS A 196 -4.08 -17.73 -11.34
C CYS A 196 -5.46 -17.61 -11.99
N GLY A 197 -6.33 -18.59 -11.78
CA GLY A 197 -7.70 -18.51 -12.29
C GLY A 197 -8.38 -17.18 -11.97
N LEU A 198 -8.24 -16.69 -10.75
CA LEU A 198 -8.98 -15.47 -10.35
C LEU A 198 -8.39 -14.27 -11.11
N GLY A 199 -7.08 -14.25 -11.34
CA GLY A 199 -6.42 -13.14 -12.05
C GLY A 199 -6.77 -13.12 -13.54
N LEU A 200 -6.54 -14.24 -14.21
CA LEU A 200 -6.78 -14.32 -15.65
C LEU A 200 -8.30 -14.23 -15.86
N GLY A 201 -9.08 -14.89 -15.01
CA GLY A 201 -10.55 -14.86 -15.06
C GLY A 201 -11.10 -13.48 -14.77
N GLY A 202 -10.57 -12.81 -13.74
CA GLY A 202 -11.09 -11.47 -13.38
C GLY A 202 -10.76 -10.43 -14.45
N PHE A 203 -9.52 -10.40 -14.93
CA PHE A 203 -9.21 -9.44 -16.02
C PHE A 203 -9.96 -9.86 -17.30
N GLY A 204 -10.11 -11.16 -17.53
CA GLY A 204 -10.87 -11.69 -18.66
C GLY A 204 -12.33 -11.28 -18.59
N ALA A 205 -12.93 -11.29 -17.39
CA ALA A 205 -14.35 -10.89 -17.23
C ALA A 205 -14.54 -9.44 -17.62
N ALA A 206 -13.51 -8.61 -17.40
CA ALA A 206 -13.54 -7.16 -17.74
C ALA A 206 -13.22 -6.94 -19.22
N ARG A 207 -12.90 -8.00 -19.95
CA ARG A 207 -12.49 -7.98 -21.36
C ARG A 207 -11.34 -7.00 -21.56
N ALA A 208 -10.45 -6.88 -20.56
CA ALA A 208 -9.29 -5.97 -20.53
C ALA A 208 -8.11 -6.60 -21.25
N LEU A 209 -8.08 -7.93 -21.37
CA LEU A 209 -6.89 -8.67 -21.88
C LEU A 209 -6.93 -8.87 -23.39
N SER A 210 -5.78 -8.85 -24.05
CA SER A 210 -5.64 -9.38 -25.42
C SER A 210 -6.13 -10.82 -25.44
N THR A 211 -6.83 -11.20 -26.50
CA THR A 211 -7.27 -12.59 -26.68
C THR A 211 -6.54 -13.20 -27.89
N ARG A 212 -5.33 -12.75 -28.19
CA ARG A 212 -4.56 -13.23 -29.38
C ARG A 212 -3.87 -14.56 -29.03
N ASN A 213 -4.64 -15.59 -28.68
CA ASN A 213 -4.12 -16.85 -28.12
C ASN A 213 -3.25 -17.58 -29.15
N ASP A 214 -3.58 -17.40 -30.42
CA ASP A 214 -2.87 -18.10 -31.50
C ASP A 214 -1.60 -17.39 -31.92
N GLU A 215 -1.27 -16.25 -31.33
CA GLU A 215 0.03 -15.60 -31.68
C GLU A 215 0.48 -14.75 -30.49
N PRO A 216 0.76 -15.38 -29.32
CA PRO A 216 1.06 -14.60 -28.10
C PRO A 216 2.17 -13.55 -28.21
N THR A 217 3.24 -13.78 -28.99
CA THR A 217 4.37 -12.81 -29.05
C THR A 217 3.92 -11.54 -29.77
N ARG A 218 2.82 -11.59 -30.53
CA ARG A 218 2.32 -10.39 -31.26
C ARG A 218 1.15 -9.74 -30.54
N ALA A 219 0.75 -10.23 -29.35
CA ALA A 219 -0.46 -9.77 -28.64
C ALA A 219 -0.27 -8.33 -28.11
N SER A 220 0.85 -8.08 -27.47
CA SER A 220 1.21 -6.76 -26.89
C SER A 220 1.78 -5.86 -28.00
N ARG A 221 1.02 -4.86 -28.38
CA ARG A 221 1.30 -4.08 -29.60
C ARG A 221 0.88 -2.64 -29.34
N PRO A 222 1.55 -1.98 -28.37
CA PRO A 222 1.20 -0.62 -27.97
C PRO A 222 1.15 0.36 -29.15
N TRP A 223 0.06 1.10 -29.26
CA TRP A 223 -0.18 2.13 -30.33
C TRP A 223 -0.41 1.47 -31.69
N ASP A 224 -0.34 0.15 -31.84
CA ASP A 224 -0.67 -0.52 -33.12
C ASP A 224 -2.19 -0.49 -33.30
N ARG A 225 -2.69 -0.25 -34.53
CA ARG A 225 -4.15 -0.18 -34.78
C ARG A 225 -4.84 -1.51 -34.47
N ASP A 226 -4.14 -2.64 -34.40
CA ASP A 226 -4.74 -3.99 -34.19
C ASP A 226 -4.59 -4.46 -32.74
N ARG A 227 -4.19 -3.59 -31.81
CA ARG A 227 -4.15 -3.93 -30.36
C ARG A 227 -5.55 -4.23 -29.84
N ASP A 228 -5.63 -5.10 -28.83
CA ASP A 228 -6.94 -5.58 -28.29
C ASP A 228 -6.81 -5.84 -26.79
N GLY A 229 -5.91 -5.11 -26.12
CA GLY A 229 -5.81 -5.16 -24.64
C GLY A 229 -4.44 -5.61 -24.14
N PHE A 230 -4.28 -5.61 -22.83
CA PHE A 230 -2.96 -5.81 -22.22
C PHE A 230 -2.72 -7.31 -22.09
N VAL A 231 -1.44 -7.62 -21.96
CA VAL A 231 -0.92 -8.98 -21.72
C VAL A 231 -0.50 -9.05 -20.26
N LEU A 232 -1.00 -10.05 -19.55
CA LEU A 232 -0.74 -10.17 -18.09
C LEU A 232 0.62 -10.83 -17.88
N SER A 233 1.49 -10.21 -17.08
CA SER A 233 2.88 -10.65 -16.86
C SER A 233 3.26 -10.58 -15.39
N ASP A 234 4.27 -11.39 -15.07
CA ASP A 234 4.68 -11.67 -13.68
C ASP A 234 6.14 -11.19 -13.52
N GLY A 235 6.50 -10.87 -12.29
CA GLY A 235 7.90 -10.62 -11.95
C GLY A 235 8.04 -9.57 -10.90
N SER A 236 9.19 -8.91 -10.90
N SER A 236 9.22 -8.98 -10.80
CA SER A 236 9.59 -8.00 -9.80
CA SER A 236 9.53 -7.95 -9.76
C SER A 236 10.71 -7.08 -10.27
C SER A 236 10.72 -7.10 -10.21
N GLY A 237 10.72 -5.85 -9.76
CA GLY A 237 11.86 -4.94 -9.89
C GLY A 237 12.11 -4.38 -8.52
N ALA A 238 13.38 -4.22 -8.20
CA ALA A 238 13.79 -3.52 -6.96
C ALA A 238 14.99 -2.63 -7.27
N LEU A 239 15.03 -1.49 -6.64
CA LEU A 239 16.15 -0.54 -6.74
C LEU A 239 16.57 -0.18 -5.34
N VAL A 240 17.88 -0.02 -5.18
CA VAL A 240 18.46 0.61 -3.97
C VAL A 240 18.61 2.10 -4.26
N LEU A 241 17.81 2.89 -3.55
CA LEU A 241 17.87 4.35 -3.60
C LEU A 241 18.73 4.75 -2.41
N GLU A 242 19.52 5.78 -2.59
CA GLU A 242 20.50 6.15 -1.55
C GLU A 242 20.73 7.66 -1.63
N GLU A 243 20.83 8.28 -0.48
CA GLU A 243 21.16 9.71 -0.46
C GLU A 243 22.52 9.90 -1.12
N LEU A 244 22.66 10.97 -1.90
CA LEU A 244 23.85 11.23 -2.72
C LEU A 244 25.13 11.22 -1.86
N GLU A 245 25.16 11.97 -0.77
CA GLU A 245 26.42 12.13 0.03
C GLU A 245 26.75 10.81 0.71
N HIS A 246 25.74 10.04 1.10
CA HIS A 246 25.89 8.67 1.65
C HIS A 246 26.58 7.79 0.59
N ALA A 247 26.10 7.85 -0.66
CA ALA A 247 26.65 7.03 -1.76
C ALA A 247 28.09 7.45 -2.05
N ARG A 248 28.32 8.75 -2.12
CA ARG A 248 29.67 9.32 -2.38
C ARG A 248 30.63 8.84 -1.31
N ALA A 249 30.23 8.92 -0.04
CA ALA A 249 31.08 8.65 1.16
C ALA A 249 31.60 7.22 1.08
N ARG A 250 30.76 6.27 0.66
CA ARG A 250 31.16 4.84 0.64
C ARG A 250 31.75 4.45 -0.72
N GLY A 251 31.89 5.36 -1.68
CA GLY A 251 32.40 5.08 -3.02
C GLY A 251 31.46 4.18 -3.82
N ALA A 252 30.16 4.38 -3.70
CA ALA A 252 29.16 3.54 -4.39
C ALA A 252 29.27 3.79 -5.88
N ARG A 253 29.01 2.77 -6.69
CA ARG A 253 28.72 2.96 -8.12
C ARG A 253 27.32 3.58 -8.22
N ILE A 254 27.19 4.71 -8.89
CA ILE A 254 25.88 5.39 -9.08
C ILE A 254 25.45 5.21 -10.53
N TYR A 255 24.29 4.58 -10.75
CA TYR A 255 23.76 4.36 -12.11
C TYR A 255 23.17 5.65 -12.68
N ALA A 256 22.47 6.44 -11.87
CA ALA A 256 21.70 7.61 -12.32
C ALA A 256 21.17 8.30 -11.09
N GLU A 257 20.68 9.53 -11.27
CA GLU A 257 20.05 10.29 -10.17
C GLU A 257 18.55 10.29 -10.41
N LEU A 258 17.76 10.11 -9.35
N LEU A 258 17.76 10.20 -9.34
CA LEU A 258 16.29 10.29 -9.36
CA LEU A 258 16.29 10.29 -9.35
C LEU A 258 16.03 11.75 -9.00
C LEU A 258 15.91 11.73 -8.98
N VAL A 259 15.61 12.55 -9.99
CA VAL A 259 15.45 14.03 -9.82
C VAL A 259 14.00 14.47 -9.68
N GLY A 260 13.03 13.65 -10.10
CA GLY A 260 11.63 14.09 -10.10
C GLY A 260 10.67 12.97 -9.86
N PHE A 261 9.59 13.32 -9.17
CA PHE A 261 8.46 12.41 -8.97
C PHE A 261 7.19 13.22 -8.99
N GLY A 262 6.23 12.67 -9.70
CA GLY A 262 4.88 13.21 -9.77
C GLY A 262 3.85 12.15 -9.49
N MET A 263 2.78 12.63 -8.85
CA MET A 263 1.54 11.92 -8.65
C MET A 263 0.43 12.89 -9.03
N SER A 264 -0.66 12.32 -9.45
CA SER A 264 -1.90 13.05 -9.69
C SER A 264 -2.98 11.99 -9.73
N GLY A 265 -4.20 12.35 -9.34
CA GLY A 265 -5.41 11.57 -9.63
C GLY A 265 -6.15 12.12 -10.82
N ASP A 266 -6.62 11.25 -11.69
CA ASP A 266 -7.49 11.61 -12.84
C ASP A 266 -8.79 12.20 -12.29
N ALA A 267 -9.32 11.58 -11.24
CA ALA A 267 -10.70 11.80 -10.78
C ALA A 267 -11.72 11.64 -11.91
N PHE A 268 -11.50 10.69 -12.81
CA PHE A 268 -12.33 10.52 -14.04
C PHE A 268 -13.18 9.25 -13.96
N HIS A 269 -12.55 8.08 -13.86
CA HIS A 269 -13.24 6.79 -14.02
C HIS A 269 -12.47 5.71 -13.26
N MET A 270 -13.19 4.74 -12.70
CA MET A 270 -12.59 3.67 -11.88
C MET A 270 -11.54 2.91 -12.68
N THR A 271 -11.70 2.69 -13.99
CA THR A 271 -10.77 1.83 -14.80
C THR A 271 -10.30 2.49 -16.09
N ALA A 272 -11.07 3.40 -16.68
CA ALA A 272 -10.79 3.98 -18.01
C ALA A 272 -9.97 5.25 -17.82
N PRO A 273 -8.93 5.49 -18.64
CA PRO A 273 -8.21 6.76 -18.58
C PRO A 273 -8.97 7.79 -19.39
N PRO A 274 -8.93 9.10 -19.07
CA PRO A 274 -9.58 10.09 -19.94
C PRO A 274 -8.87 10.08 -21.30
N GLU A 275 -9.60 10.22 -22.41
CA GLU A 275 -9.02 10.13 -23.80
C GLU A 275 -7.92 11.20 -24.03
N ASP A 276 -8.05 12.36 -23.39
CA ASP A 276 -7.13 13.51 -23.59
C ASP A 276 -5.89 13.36 -22.69
N GLY A 277 -5.82 12.31 -21.87
CA GLY A 277 -4.67 12.09 -20.95
C GLY A 277 -4.46 13.23 -19.95
N ALA A 278 -5.50 13.94 -19.53
CA ALA A 278 -5.37 15.10 -18.62
C ALA A 278 -4.63 14.72 -17.31
N GLY A 279 -4.98 13.60 -16.69
CA GLY A 279 -4.34 13.23 -15.41
C GLY A 279 -2.88 12.89 -15.61
N ALA A 280 -2.54 12.18 -16.68
CA ALA A 280 -1.15 11.82 -17.05
C ALA A 280 -0.33 13.10 -17.34
N ALA A 281 -0.95 14.05 -18.03
CA ALA A 281 -0.29 15.34 -18.29
C ALA A 281 -0.04 16.08 -16.96
N ARG A 282 -1.00 16.14 -16.07
CA ARG A 282 -0.81 16.85 -14.78
C ARG A 282 0.35 16.20 -14.05
N CYS A 283 0.37 14.88 -14.04
CA CYS A 283 1.38 14.08 -13.31
C CYS A 283 2.79 14.37 -13.89
N MET A 284 2.92 14.31 -15.21
CA MET A 284 4.24 14.56 -15.81
C MET A 284 4.68 15.99 -15.48
N LYS A 285 3.78 16.95 -15.60
CA LYS A 285 4.15 18.36 -15.33
C LYS A 285 4.60 18.51 -13.87
N ASN A 286 3.91 17.87 -12.95
CA ASN A 286 4.33 17.88 -11.53
C ASN A 286 5.76 17.34 -11.42
N ALA A 287 6.06 16.21 -12.07
CA ALA A 287 7.38 15.53 -12.02
C ALA A 287 8.48 16.42 -12.64
N LEU A 288 8.20 17.08 -13.74
CA LEU A 288 9.21 17.90 -14.43
C LEU A 288 9.48 19.14 -13.57
N ARG A 289 8.44 19.71 -12.98
CA ARG A 289 8.64 20.89 -12.10
C ARG A 289 9.44 20.46 -10.87
N ASP A 290 9.13 19.28 -10.31
CA ASP A 290 9.84 18.74 -9.12
C ASP A 290 11.32 18.55 -9.46
N ALA A 291 11.65 18.24 -10.72
CA ALA A 291 13.03 17.99 -11.18
C ALA A 291 13.72 19.29 -11.60
N GLY A 292 13.03 20.42 -11.60
CA GLY A 292 13.64 21.70 -11.96
C GLY A 292 14.02 21.73 -13.43
N LEU A 293 13.25 21.08 -14.30
CA LEU A 293 13.63 20.90 -15.72
C LEU A 293 12.82 21.83 -16.63
N ASP A 294 13.45 22.16 -17.75
CA ASP A 294 12.80 22.54 -19.02
C ASP A 294 12.26 21.25 -19.63
N PRO A 295 10.97 21.11 -19.99
CA PRO A 295 10.50 19.89 -20.61
C PRO A 295 11.32 19.49 -21.84
N ARG A 296 11.96 20.44 -22.53
CA ARG A 296 12.80 20.09 -23.70
C ARG A 296 14.04 19.25 -23.35
N GLN A 297 14.37 19.14 -22.06
CA GLN A 297 15.49 18.30 -21.59
C GLN A 297 15.10 16.83 -21.69
N VAL A 298 13.81 16.50 -21.75
CA VAL A 298 13.38 15.06 -21.75
C VAL A 298 13.82 14.40 -23.07
N ASP A 299 14.64 13.34 -23.01
CA ASP A 299 15.14 12.67 -24.22
C ASP A 299 14.37 11.36 -24.46
N TYR A 300 13.97 10.66 -23.41
CA TYR A 300 13.39 9.29 -23.53
C TYR A 300 12.27 9.17 -22.51
N ILE A 301 11.15 8.61 -22.96
CA ILE A 301 10.00 8.28 -22.09
C ILE A 301 9.76 6.78 -22.20
N ASN A 302 9.86 6.08 -21.09
CA ASN A 302 9.33 4.70 -20.99
C ASN A 302 7.86 4.87 -20.68
N ALA A 303 7.03 4.74 -21.70
CA ALA A 303 5.57 4.91 -21.54
C ALA A 303 4.97 3.83 -20.63
N HIS A 304 3.77 4.07 -20.12
CA HIS A 304 2.97 2.95 -19.58
C HIS A 304 2.69 1.96 -20.72
N GLY A 305 2.11 2.46 -21.82
CA GLY A 305 2.08 1.70 -23.09
C GLY A 305 1.50 0.29 -22.91
N THR A 306 0.28 0.18 -22.39
CA THR A 306 -0.33 -1.11 -21.98
C THR A 306 -0.83 -1.95 -23.18
N SER A 307 -1.03 -1.35 -24.35
CA SER A 307 -1.66 -2.05 -25.51
C SER A 307 -3.18 -2.14 -25.33
N THR A 308 -3.76 -1.24 -24.54
CA THR A 308 -5.23 -1.01 -24.52
C THR A 308 -5.53 0.04 -25.57
N PRO A 309 -6.71 -0.05 -26.23
CA PRO A 309 -7.15 1.04 -27.10
C PRO A 309 -7.14 2.43 -26.43
N ALA A 310 -7.76 2.60 -25.27
CA ALA A 310 -7.93 3.95 -24.71
C ALA A 310 -6.62 4.41 -24.05
N GLY A 311 -5.94 3.50 -23.33
CA GLY A 311 -4.71 3.85 -22.60
C GLY A 311 -3.63 4.42 -23.50
N ASP A 312 -3.36 3.74 -24.62
CA ASP A 312 -2.22 4.07 -25.50
C ASP A 312 -2.47 5.45 -26.13
N ILE A 313 -3.69 5.75 -26.52
CA ILE A 313 -3.95 7.04 -27.22
C ILE A 313 -4.00 8.18 -26.20
N ALA A 314 -4.45 7.94 -24.96
CA ALA A 314 -4.43 8.92 -23.88
C ALA A 314 -2.99 9.34 -23.62
N GLU A 315 -2.05 8.40 -23.67
CA GLU A 315 -0.60 8.72 -23.42
C GLU A 315 -0.02 9.59 -24.53
N ILE A 316 -0.36 9.32 -25.78
CA ILE A 316 0.08 10.20 -26.89
C ILE A 316 -0.46 11.61 -26.59
N ALA A 317 -1.75 11.74 -26.30
CA ALA A 317 -2.38 13.06 -26.05
C ALA A 317 -1.67 13.78 -24.89
N ALA A 318 -1.36 13.06 -23.80
CA ALA A 318 -0.67 13.67 -22.64
C ALA A 318 0.73 14.15 -23.02
N VAL A 319 1.48 13.33 -23.76
CA VAL A 319 2.88 13.69 -24.13
C VAL A 319 2.86 14.92 -25.08
N LYS A 320 1.96 14.94 -26.05
CA LYS A 320 1.79 16.13 -26.93
C LYS A 320 1.41 17.36 -26.09
N SER A 321 0.50 17.24 -25.13
CA SER A 321 0.07 18.39 -24.31
C SER A 321 1.27 18.91 -23.49
N VAL A 322 2.05 18.02 -22.90
CA VAL A 322 3.14 18.42 -21.98
C VAL A 322 4.32 18.97 -22.77
N PHE A 323 4.65 18.35 -23.90
CA PHE A 323 5.95 18.60 -24.55
C PHE A 323 5.80 19.48 -25.80
N GLY A 324 4.59 19.73 -26.27
CA GLY A 324 4.41 20.59 -27.47
C GLY A 324 5.28 20.11 -28.62
N GLU A 325 6.00 21.00 -29.29
CA GLU A 325 6.80 20.61 -30.47
C GLU A 325 7.93 19.66 -30.06
N HIS A 326 8.36 19.69 -28.81
CA HIS A 326 9.44 18.78 -28.37
C HIS A 326 8.94 17.32 -28.34
N ALA A 327 7.64 17.10 -28.39
CA ALA A 327 7.08 15.73 -28.44
C ALA A 327 7.64 14.98 -29.64
N HIS A 328 7.97 15.71 -30.71
CA HIS A 328 8.47 15.17 -31.99
C HIS A 328 9.98 14.93 -31.93
N ALA A 329 10.68 15.34 -30.86
CA ALA A 329 12.14 15.21 -30.78
C ALA A 329 12.53 14.09 -29.80
N LEU A 330 11.81 13.96 -28.70
CA LEU A 330 12.07 12.87 -27.74
C LEU A 330 11.74 11.52 -28.41
N SER A 331 12.21 10.43 -27.80
CA SER A 331 11.84 9.03 -28.14
C SER A 331 10.98 8.49 -27.01
N MET A 332 9.90 7.82 -27.35
CA MET A 332 8.98 7.20 -26.36
C MET A 332 8.78 5.75 -26.77
N SER A 333 8.96 4.80 -25.86
CA SER A 333 8.71 3.38 -26.20
C SER A 333 8.01 2.70 -25.04
N SER A 334 7.33 1.61 -25.38
CA SER A 334 6.66 0.74 -24.41
C SER A 334 7.41 -0.59 -24.41
N THR A 335 8.13 -0.84 -23.34
CA THR A 335 8.82 -2.14 -23.15
C THR A 335 7.78 -3.21 -22.84
N LYS A 336 6.53 -2.85 -22.52
CA LYS A 336 5.44 -3.85 -22.37
C LYS A 336 5.19 -4.58 -23.68
N SER A 337 5.62 -4.01 -24.80
CA SER A 337 5.57 -4.69 -26.12
C SER A 337 6.27 -6.05 -26.03
N MET A 338 7.32 -6.17 -25.20
CA MET A 338 8.14 -7.38 -25.00
C MET A 338 7.83 -8.10 -23.68
N THR A 339 7.67 -7.36 -22.57
CA THR A 339 7.52 -7.96 -21.24
C THR A 339 6.05 -8.31 -20.92
N GLY A 340 5.09 -7.65 -21.60
CA GLY A 340 3.72 -7.57 -21.12
C GLY A 340 3.66 -6.66 -19.90
N HIS A 341 2.51 -6.67 -19.26
CA HIS A 341 2.10 -5.76 -18.17
C HIS A 341 2.27 -6.46 -16.84
N LEU A 342 3.31 -6.07 -16.09
CA LEU A 342 3.62 -6.68 -14.77
C LEU A 342 2.83 -5.99 -13.68
N LEU A 343 1.83 -5.20 -14.03
CA LEU A 343 0.85 -4.65 -13.06
C LEU A 343 1.63 -3.88 -12.00
N GLY A 344 1.47 -4.21 -10.72
CA GLY A 344 2.19 -3.44 -9.69
C GLY A 344 3.71 -3.52 -9.80
N ALA A 345 4.30 -4.46 -10.55
CA ALA A 345 5.75 -4.49 -10.81
C ALA A 345 6.12 -3.74 -12.09
N ALA A 346 5.15 -3.31 -12.93
CA ALA A 346 5.48 -2.65 -14.21
C ALA A 346 6.35 -1.42 -13.98
N GLY A 347 6.00 -0.58 -13.01
CA GLY A 347 6.73 0.69 -12.83
C GLY A 347 8.12 0.40 -12.29
N ALA A 348 8.30 -0.73 -11.62
CA ALA A 348 9.60 -1.09 -11.02
C ALA A 348 10.56 -1.58 -12.12
N VAL A 349 10.14 -2.52 -12.94
CA VAL A 349 11.03 -3.00 -14.03
C VAL A 349 11.28 -1.85 -15.00
N GLU A 350 10.27 -1.02 -15.25
CA GLU A 350 10.40 0.05 -16.26
C GLU A 350 11.27 1.18 -15.73
N ALA A 351 11.29 1.41 -14.44
CA ALA A 351 12.27 2.35 -13.86
C ALA A 351 13.68 1.81 -14.11
N ILE A 352 13.87 0.51 -13.96
CA ILE A 352 15.19 -0.12 -14.20
C ILE A 352 15.54 0.05 -15.67
N PHE A 353 14.57 -0.17 -16.56
CA PHE A 353 14.86 -0.05 -18.02
C PHE A 353 15.20 1.41 -18.34
N SER A 354 14.58 2.36 -17.67
CA SER A 354 14.84 3.80 -17.89
C SER A 354 16.26 4.15 -17.44
N VAL A 355 16.68 3.62 -16.29
CA VAL A 355 18.06 3.84 -15.80
C VAL A 355 19.06 3.21 -16.79
N LEU A 356 18.80 2.01 -17.31
CA LEU A 356 19.70 1.34 -18.29
C LEU A 356 19.69 2.07 -19.62
N ALA A 357 18.58 2.68 -20.03
CA ALA A 357 18.56 3.56 -21.22
C ALA A 357 19.58 4.69 -21.01
N LEU A 358 19.64 5.27 -19.82
CA LEU A 358 20.62 6.33 -19.51
C LEU A 358 22.03 5.74 -19.52
N ARG A 359 22.26 4.59 -18.88
CA ARG A 359 23.62 4.00 -18.80
C ARG A 359 24.12 3.70 -20.22
N ASP A 360 23.27 3.14 -21.09
CA ASP A 360 23.71 2.59 -22.40
C ASP A 360 23.42 3.54 -23.56
N GLN A 361 22.75 4.67 -23.33
CA GLN A 361 22.40 5.66 -24.37
C GLN A 361 21.64 4.99 -25.51
N VAL A 362 20.56 4.29 -25.16
CA VAL A 362 19.75 3.59 -26.18
C VAL A 362 18.30 3.60 -25.71
N ALA A 363 17.41 3.88 -26.64
CA ALA A 363 15.95 3.80 -26.46
C ALA A 363 15.54 2.39 -26.83
N PRO A 364 15.01 1.63 -25.88
CA PRO A 364 14.45 0.32 -26.17
C PRO A 364 13.33 0.42 -27.19
N PRO A 365 13.13 -0.64 -28.02
CA PRO A 365 12.06 -0.60 -29.01
C PRO A 365 10.65 -0.80 -28.43
N THR A 366 9.67 -0.36 -29.19
CA THR A 366 8.27 -0.85 -29.10
C THR A 366 8.14 -1.89 -30.18
N ILE A 367 8.25 -3.17 -29.85
CA ILE A 367 8.03 -4.22 -30.87
C ILE A 367 6.56 -4.27 -31.24
N ASN A 368 6.29 -4.83 -32.43
CA ASN A 368 4.93 -5.15 -32.89
C ASN A 368 4.21 -3.92 -33.40
N LEU A 369 4.90 -2.76 -33.53
CA LEU A 369 4.26 -1.50 -33.94
C LEU A 369 4.30 -1.44 -35.47
N ASP A 370 3.46 -2.26 -36.06
CA ASP A 370 3.41 -2.50 -37.52
C ASP A 370 2.67 -1.32 -38.15
N ASN A 371 1.53 -0.93 -37.60
CA ASN A 371 0.62 0.08 -38.18
C ASN A 371 0.20 1.00 -37.05
N PRO A 372 0.98 2.08 -36.80
CA PRO A 372 0.62 3.05 -35.79
C PRO A 372 -0.79 3.55 -36.03
N ASP A 373 -1.54 3.68 -34.93
CA ASP A 373 -2.96 4.11 -34.97
C ASP A 373 -3.03 5.61 -35.25
N GLU A 374 -4.23 6.10 -35.52
CA GLU A 374 -4.53 7.52 -35.77
C GLU A 374 -3.91 8.35 -34.64
N GLY A 375 -3.08 9.32 -35.00
CA GLY A 375 -2.46 10.29 -34.08
C GLY A 375 -1.23 9.75 -33.36
N CYS A 376 -0.85 8.48 -33.57
CA CYS A 376 0.30 7.82 -32.88
C CYS A 376 1.56 8.05 -33.73
N ASP A 377 1.94 9.33 -33.90
CA ASP A 377 2.89 9.73 -34.97
C ASP A 377 4.16 10.32 -34.33
N LEU A 378 4.41 10.02 -33.06
CA LEU A 378 5.68 10.38 -32.39
C LEU A 378 6.77 9.37 -32.75
N ASP A 379 8.00 9.64 -32.34
CA ASP A 379 9.04 8.60 -32.37
C ASP A 379 8.73 7.58 -31.25
N LEU A 380 8.10 6.47 -31.61
CA LEU A 380 7.75 5.36 -30.71
C LEU A 380 8.76 4.22 -30.81
N VAL A 381 9.90 4.47 -31.43
CA VAL A 381 11.04 3.51 -31.51
C VAL A 381 10.52 2.16 -32.04
N ALA A 382 9.71 2.18 -33.07
CA ALA A 382 9.11 0.94 -33.62
C ALA A 382 10.19 -0.10 -33.96
N HIS A 383 9.98 -1.34 -33.54
CA HIS A 383 10.67 -2.57 -34.02
C HIS A 383 12.07 -2.75 -33.45
N GLU A 384 12.94 -1.73 -33.45
CA GLU A 384 14.38 -1.89 -33.15
C GLU A 384 14.90 -0.80 -32.22
N ALA A 385 15.79 -1.21 -31.30
CA ALA A 385 16.44 -0.31 -30.30
C ALA A 385 17.08 0.85 -31.07
N LYS A 386 17.04 2.05 -30.51
CA LYS A 386 17.60 3.25 -31.18
C LYS A 386 18.65 3.87 -30.28
N PRO A 387 19.94 3.67 -30.57
CA PRO A 387 20.98 4.42 -29.89
C PRO A 387 20.75 5.92 -30.06
N ARG A 388 20.86 6.69 -28.98
CA ARG A 388 20.64 8.15 -29.03
C ARG A 388 21.16 8.77 -27.75
N LYS A 389 21.30 10.09 -27.76
CA LYS A 389 21.62 10.84 -26.54
C LYS A 389 20.40 10.84 -25.63
N ILE A 390 20.63 10.42 -24.38
CA ILE A 390 19.60 10.44 -23.33
C ILE A 390 20.27 11.01 -22.07
N ASP A 391 19.94 12.25 -21.75
CA ASP A 391 20.39 12.84 -20.46
C ASP A 391 19.27 12.70 -19.44
N VAL A 392 18.02 12.78 -19.89
CA VAL A 392 16.85 12.74 -18.97
C VAL A 392 15.85 11.72 -19.50
N ALA A 393 15.44 10.81 -18.62
CA ALA A 393 14.49 9.76 -18.96
C ALA A 393 13.34 9.84 -17.99
N LEU A 394 12.12 9.65 -18.49
N LEU A 394 12.10 9.82 -18.51
CA LEU A 394 10.88 9.70 -17.70
CA LEU A 394 10.86 9.65 -17.73
C LEU A 394 10.18 8.33 -17.82
C LEU A 394 10.44 8.18 -17.73
N SER A 395 9.68 7.79 -16.71
CA SER A 395 8.93 6.53 -16.67
C SER A 395 7.54 6.83 -16.14
N ASN A 396 6.50 6.51 -16.91
CA ASN A 396 5.11 6.81 -16.55
C ASN A 396 4.37 5.54 -16.19
N SER A 397 3.44 5.66 -15.26
CA SER A 397 2.48 4.59 -14.93
C SER A 397 1.14 5.25 -14.64
N PHE A 398 0.07 4.52 -14.96
N PHE A 398 0.05 4.60 -15.05
CA PHE A 398 -1.34 4.92 -14.75
CA PHE A 398 -1.31 4.96 -14.58
C PHE A 398 -2.11 3.68 -14.29
C PHE A 398 -2.00 3.69 -14.14
N GLY A 399 -3.07 3.83 -13.38
CA GLY A 399 -3.77 2.67 -12.86
C GLY A 399 -5.21 2.89 -12.59
N PHE A 400 -5.88 1.79 -12.28
CA PHE A 400 -7.25 1.83 -11.76
C PHE A 400 -7.31 2.85 -10.63
N GLY A 401 -8.45 3.49 -10.54
CA GLY A 401 -8.70 4.54 -9.56
C GLY A 401 -8.21 5.87 -10.07
N GLY A 402 -7.74 5.91 -11.31
CA GLY A 402 -7.24 7.17 -11.89
C GLY A 402 -5.92 7.60 -11.28
N THR A 403 -5.12 6.64 -10.82
N THR A 403 -5.19 6.61 -10.78
CA THR A 403 -3.87 6.92 -10.09
CA THR A 403 -3.84 6.78 -10.19
C THR A 403 -2.69 6.94 -11.05
C THR A 403 -2.87 7.14 -11.32
N ASN A 404 -1.92 8.02 -11.04
CA ASN A 404 -0.83 8.32 -11.99
C ASN A 404 0.49 8.51 -11.23
N GLY A 405 1.58 8.03 -11.82
CA GLY A 405 2.91 8.34 -11.28
C GLY A 405 3.88 8.55 -12.40
N THR A 406 4.84 9.44 -12.16
CA THR A 406 5.90 9.71 -13.15
C THR A 406 7.21 9.80 -12.36
N LEU A 407 8.23 9.10 -12.80
CA LEU A 407 9.61 9.24 -12.31
C LEU A 407 10.48 9.89 -13.36
N VAL A 408 11.38 10.79 -12.91
CA VAL A 408 12.35 11.48 -13.78
C VAL A 408 13.75 11.13 -13.30
N PHE A 409 14.52 10.49 -14.18
CA PHE A 409 15.91 10.07 -13.92
C PHE A 409 16.82 10.91 -14.81
N ARG A 410 18.04 11.13 -14.38
CA ARG A 410 19.07 11.76 -15.24
C ARG A 410 20.44 11.20 -14.95
N ARG A 411 21.31 11.27 -15.97
CA ARG A 411 22.73 10.88 -15.87
C ARG A 411 23.34 11.60 -14.68
N PHE A 412 24.17 10.87 -13.93
CA PHE A 412 24.97 11.44 -12.83
C PHE A 412 26.46 11.38 -13.23
N ALA A 413 27.17 12.51 -13.19
CA ALA A 413 28.61 12.63 -13.55
C ALA A 413 29.47 12.72 -12.28
N SER B 2 12.55 23.58 6.66
CA SER B 2 11.33 23.81 7.48
C SER B 2 10.13 23.01 6.94
N ARG B 3 9.02 23.00 7.68
CA ARG B 3 7.87 22.09 7.52
C ARG B 3 6.58 22.83 7.88
N ARG B 4 5.49 22.61 7.16
CA ARG B 4 4.18 23.20 7.56
C ARG B 4 3.50 22.38 8.66
N ARG B 5 2.61 23.01 9.39
CA ARG B 5 1.86 22.34 10.48
C ARG B 5 0.59 21.72 9.91
N VAL B 6 0.21 20.59 10.51
CA VAL B 6 -0.91 19.74 10.04
C VAL B 6 -1.90 19.60 11.18
N VAL B 7 -3.17 19.88 10.89
CA VAL B 7 -4.26 19.76 11.87
C VAL B 7 -5.34 18.83 11.32
N ILE B 8 -6.15 18.32 12.23
CA ILE B 8 -7.29 17.43 11.93
C ILE B 8 -8.55 18.29 11.95
N THR B 9 -9.29 18.33 10.86
CA THR B 9 -10.51 19.19 10.74
C THR B 9 -11.76 18.37 10.47
N GLY B 10 -11.63 17.07 10.27
CA GLY B 10 -12.78 16.22 9.97
C GLY B 10 -12.50 14.78 10.36
N MET B 11 -13.50 14.07 10.87
CA MET B 11 -13.31 12.64 11.20
C MET B 11 -14.58 11.87 10.86
N GLY B 12 -14.38 10.60 10.50
CA GLY B 12 -15.48 9.71 10.05
C GLY B 12 -15.16 8.28 10.41
N MET B 13 -16.18 7.48 10.69
CA MET B 13 -15.92 6.13 11.23
C MET B 13 -17.13 5.22 11.03
N LEU B 14 -16.84 3.94 10.80
CA LEU B 14 -17.76 2.81 11.05
C LEU B 14 -17.03 1.90 12.03
N SER B 15 -17.68 1.48 13.11
CA SER B 15 -16.99 0.55 14.04
C SER B 15 -18.01 -0.44 14.58
N PRO B 16 -17.52 -1.45 15.33
CA PRO B 16 -18.43 -2.32 16.07
C PRO B 16 -19.25 -1.57 17.13
N LEU B 17 -18.90 -0.33 17.48
CA LEU B 17 -19.64 0.45 18.51
C LEU B 17 -20.67 1.38 17.87
N GLY B 18 -20.56 1.65 16.58
CA GLY B 18 -21.42 2.71 16.03
C GLY B 18 -21.16 2.99 14.57
N LEU B 19 -22.11 3.67 13.96
CA LEU B 19 -22.04 3.95 12.50
C LEU B 19 -21.49 5.35 12.27
N ASP B 20 -20.96 6.00 13.30
CA ASP B 20 -20.28 7.31 13.14
C ASP B 20 -19.34 7.52 14.32
N VAL B 21 -18.67 8.64 14.34
CA VAL B 21 -17.68 8.95 15.41
C VAL B 21 -18.41 9.13 16.72
N PRO B 22 -19.40 10.04 16.83
CA PRO B 22 -19.96 10.33 18.15
C PRO B 22 -20.61 9.11 18.79
N SER B 23 -21.30 8.27 18.03
CA SER B 23 -21.89 7.02 18.58
C SER B 23 -20.77 6.08 19.08
N SER B 24 -19.75 5.86 18.26
CA SER B 24 -18.61 4.98 18.61
C SER B 24 -17.96 5.48 19.91
N TRP B 25 -17.69 6.79 19.97
CA TRP B 25 -16.99 7.42 21.10
C TRP B 25 -17.82 7.32 22.37
N GLU B 26 -19.14 7.52 22.27
CA GLU B 26 -20.03 7.32 23.45
C GLU B 26 -19.86 5.88 23.96
N GLY B 27 -19.79 4.89 23.08
CA GLY B 27 -19.56 3.49 23.51
C GLY B 27 -18.24 3.31 24.19
N ILE B 28 -17.20 3.92 23.64
CA ILE B 28 -15.81 3.86 24.17
C ILE B 28 -15.81 4.39 25.61
N LEU B 29 -16.37 5.56 25.84
CA LEU B 29 -16.29 6.18 27.19
C LEU B 29 -17.20 5.46 28.18
N ALA B 30 -18.22 4.77 27.72
CA ALA B 30 -19.10 3.91 28.55
C ALA B 30 -18.53 2.51 28.79
N GLY B 31 -17.42 2.13 28.16
CA GLY B 31 -16.84 0.80 28.37
C GLY B 31 -17.65 -0.29 27.70
N ARG B 32 -18.38 0.05 26.65
CA ARG B 32 -19.28 -0.91 25.97
C ARG B 32 -18.45 -1.77 25.01
N SER B 33 -18.77 -3.03 24.91
CA SER B 33 -18.21 -3.97 23.91
C SER B 33 -19.06 -3.96 22.64
N GLY B 34 -18.40 -4.00 21.51
CA GLY B 34 -19.06 -4.21 20.21
C GLY B 34 -18.93 -5.64 19.73
N ILE B 35 -18.50 -6.58 20.59
CA ILE B 35 -18.16 -7.96 20.15
C ILE B 35 -19.37 -8.88 20.37
N ALA B 36 -19.63 -9.74 19.41
CA ALA B 36 -20.81 -10.63 19.43
C ALA B 36 -20.58 -11.79 18.48
N PRO B 37 -21.36 -12.88 18.64
CA PRO B 37 -21.30 -13.95 17.67
C PRO B 37 -21.65 -13.37 16.30
N ILE B 38 -20.91 -13.84 15.31
CA ILE B 38 -21.06 -13.38 13.92
C ILE B 38 -22.32 -14.02 13.34
N GLU B 39 -23.16 -13.21 12.70
CA GLU B 39 -24.45 -13.70 12.15
C GLU B 39 -24.37 -13.94 10.65
N HIS B 40 -25.39 -14.65 10.12
CA HIS B 40 -25.64 -14.92 8.68
C HIS B 40 -24.36 -15.52 8.07
N MET B 41 -23.84 -16.55 8.74
CA MET B 41 -22.56 -17.19 8.36
C MET B 41 -22.36 -18.43 9.23
N ASP B 42 -22.22 -19.61 8.64
CA ASP B 42 -22.11 -20.88 9.40
C ASP B 42 -20.66 -21.04 9.87
N LEU B 43 -20.38 -20.74 11.12
CA LEU B 43 -19.02 -20.82 11.69
C LEU B 43 -18.89 -22.08 12.53
N SER B 44 -19.78 -23.08 12.36
CA SER B 44 -19.73 -24.35 13.15
C SER B 44 -18.32 -24.95 13.19
N ALA B 45 -17.66 -25.02 12.03
CA ALA B 45 -16.38 -25.74 11.85
C ALA B 45 -15.20 -24.89 12.29
N TYR B 46 -15.45 -23.66 12.73
CA TYR B 46 -14.39 -22.68 13.07
C TYR B 46 -14.18 -22.66 14.59
N SER B 47 -12.95 -22.39 15.06
CA SER B 47 -12.62 -22.35 16.51
C SER B 47 -13.03 -20.99 17.13
N THR B 48 -13.29 -19.99 16.29
CA THR B 48 -13.78 -18.66 16.73
C THR B 48 -15.08 -18.37 15.99
N ARG B 49 -16.13 -17.95 16.70
CA ARG B 49 -17.48 -17.75 16.10
C ARG B 49 -17.99 -16.33 16.34
N PHE B 50 -17.12 -15.44 16.85
CA PHE B 50 -17.51 -14.09 17.25
C PHE B 50 -16.48 -13.10 16.69
N GLY B 51 -16.86 -11.84 16.72
CA GLY B 51 -15.98 -10.71 16.36
C GLY B 51 -16.71 -9.40 16.49
N GLY B 52 -16.11 -8.33 15.96
CA GLY B 52 -16.73 -7.00 15.92
C GLY B 52 -17.28 -6.71 14.54
N SER B 53 -18.58 -6.88 14.36
CA SER B 53 -19.23 -6.58 13.06
C SER B 53 -19.71 -5.14 13.08
N VAL B 54 -19.81 -4.53 11.91
CA VAL B 54 -20.55 -3.26 11.77
C VAL B 54 -22.04 -3.60 11.67
N LYS B 55 -22.85 -3.05 12.55
CA LYS B 55 -24.28 -3.38 12.66
C LYS B 55 -25.14 -2.28 12.06
N GLY B 56 -25.93 -2.67 11.06
CA GLY B 56 -26.99 -1.86 10.46
C GLY B 56 -26.46 -0.83 9.46
N PHE B 57 -25.31 -1.07 8.86
CA PHE B 57 -24.69 -0.18 7.84
C PHE B 57 -25.60 -0.13 6.62
N ASN B 58 -25.96 1.09 6.23
CA ASN B 58 -26.78 1.34 5.04
C ASN B 58 -25.93 2.05 4.00
N VAL B 59 -25.39 1.29 3.04
CA VAL B 59 -24.51 1.87 2.00
C VAL B 59 -25.29 2.84 1.11
N GLU B 60 -26.62 2.70 0.97
CA GLU B 60 -27.39 3.59 0.09
C GLU B 60 -27.49 5.01 0.68
N GLU B 61 -27.03 5.25 1.92
CA GLU B 61 -26.82 6.65 2.36
C GLU B 61 -25.67 7.32 1.60
N TYR B 62 -24.79 6.53 0.97
CA TYR B 62 -23.54 7.01 0.35
C TYR B 62 -23.53 6.81 -1.15
N LEU B 63 -23.98 5.64 -1.60
CA LEU B 63 -23.86 5.19 -3.00
C LEU B 63 -25.20 4.72 -3.51
N SER B 64 -25.40 4.77 -4.82
CA SER B 64 -26.55 4.05 -5.40
C SER B 64 -26.36 2.53 -5.19
N ALA B 65 -27.45 1.77 -5.22
CA ALA B 65 -27.41 0.29 -5.09
C ALA B 65 -26.45 -0.24 -6.16
N LYS B 66 -26.56 0.33 -7.34
CA LYS B 66 -25.80 -0.18 -8.51
C LYS B 66 -24.30 0.02 -8.31
N GLU B 67 -23.86 1.20 -7.87
N GLU B 67 -23.90 1.25 -7.91
CA GLU B 67 -22.42 1.45 -7.60
CA GLU B 67 -22.52 1.63 -7.49
C GLU B 67 -21.98 0.59 -6.41
C GLU B 67 -22.03 0.63 -6.44
N ALA B 68 -22.82 0.44 -5.39
CA ALA B 68 -22.46 -0.39 -4.22
C ALA B 68 -22.24 -1.86 -4.64
N ARG B 69 -22.99 -2.37 -5.60
CA ARG B 69 -22.89 -3.81 -6.01
C ARG B 69 -21.52 -4.11 -6.61
N LYS B 70 -20.79 -3.07 -7.02
CA LYS B 70 -19.50 -3.21 -7.71
C LYS B 70 -18.38 -3.35 -6.67
N LEU B 71 -18.62 -2.98 -5.39
CA LEU B 71 -17.52 -2.72 -4.42
C LEU B 71 -17.59 -3.72 -3.26
N ASP B 72 -16.45 -4.27 -2.89
CA ASP B 72 -16.33 -5.07 -1.64
C ASP B 72 -16.81 -4.22 -0.47
N LEU B 73 -17.25 -4.89 0.58
CA LEU B 73 -17.60 -4.23 1.85
C LEU B 73 -16.44 -3.37 2.36
N PHE B 74 -15.17 -3.79 2.28
CA PHE B 74 -14.13 -2.94 2.89
C PHE B 74 -14.08 -1.60 2.16
N ILE B 75 -14.36 -1.58 0.85
CA ILE B 75 -14.41 -0.31 0.08
C ILE B 75 -15.64 0.51 0.49
N GLN B 76 -16.79 -0.12 0.60
CA GLN B 76 -18.01 0.55 1.08
C GLN B 76 -17.67 1.22 2.42
N TYR B 77 -17.03 0.50 3.32
CA TYR B 77 -16.80 1.03 4.69
C TYR B 77 -15.81 2.20 4.60
N GLY B 78 -14.76 2.06 3.80
CA GLY B 78 -13.82 3.17 3.71
C GLY B 78 -14.46 4.40 3.09
N LEU B 79 -15.31 4.24 2.09
CA LEU B 79 -16.01 5.39 1.48
C LEU B 79 -16.97 6.04 2.47
N ALA B 80 -17.70 5.25 3.23
CA ALA B 80 -18.57 5.80 4.29
C ALA B 80 -17.76 6.69 5.25
N ALA B 81 -16.65 6.17 5.80
CA ALA B 81 -15.83 6.95 6.76
C ALA B 81 -15.31 8.21 6.06
N SER B 82 -14.86 8.10 4.80
CA SER B 82 -14.25 9.21 4.05
C SER B 82 -15.28 10.31 3.79
N PHE B 83 -16.48 9.91 3.37
CA PHE B 83 -17.54 10.91 3.10
C PHE B 83 -17.93 11.59 4.41
N GLN B 84 -18.00 10.81 5.50
CA GLN B 84 -18.32 11.41 6.81
C GLN B 84 -17.27 12.45 7.17
N ALA B 85 -16.00 12.11 7.03
CA ALA B 85 -14.89 12.97 7.43
C ALA B 85 -14.89 14.25 6.60
N VAL B 86 -15.10 14.12 5.29
CA VAL B 86 -15.12 15.33 4.43
C VAL B 86 -16.32 16.21 4.83
N ARG B 87 -17.53 15.64 4.99
CA ARG B 87 -18.69 16.42 5.50
C ARG B 87 -18.32 17.09 6.82
N ASP B 88 -17.69 16.39 7.76
CA ASP B 88 -17.41 16.88 9.14
C ASP B 88 -16.44 18.07 9.06
N SER B 89 -15.61 18.09 8.01
CA SER B 89 -14.56 19.11 7.82
C SER B 89 -15.16 20.40 7.28
N GLY B 90 -16.28 20.33 6.54
CA GLY B 90 -16.89 21.55 5.97
C GLY B 90 -16.12 22.01 4.72
N LEU B 91 -15.12 21.26 4.26
CA LEU B 91 -14.28 21.66 3.12
C LEU B 91 -15.11 21.73 1.84
N GLU B 92 -14.89 22.78 1.08
CA GLU B 92 -15.52 23.00 -0.24
C GLU B 92 -14.42 22.75 -1.27
N VAL B 93 -14.57 21.69 -2.03
CA VAL B 93 -13.64 21.40 -3.15
C VAL B 93 -14.03 22.30 -4.33
N THR B 94 -13.03 22.95 -4.93
CA THR B 94 -13.20 23.88 -6.06
C THR B 94 -12.15 23.62 -7.13
N ASP B 95 -12.36 24.22 -8.29
CA ASP B 95 -11.34 24.20 -9.35
C ASP B 95 -10.05 24.79 -8.82
N ALA B 96 -10.09 25.74 -7.87
CA ALA B 96 -8.93 26.47 -7.32
C ALA B 96 -8.15 25.56 -6.37
N ASN B 97 -8.74 24.50 -5.82
CA ASN B 97 -7.97 23.74 -4.79
C ASN B 97 -7.97 22.25 -5.07
N ARG B 98 -8.64 21.78 -6.13
CA ARG B 98 -8.81 20.31 -6.25
C ARG B 98 -7.46 19.60 -6.48
N GLU B 99 -6.48 20.26 -7.09
CA GLU B 99 -5.14 19.63 -7.35
C GLU B 99 -4.35 19.58 -6.04
N ARG B 100 -4.85 20.17 -4.94
CA ARG B 100 -4.16 20.26 -3.64
C ARG B 100 -4.83 19.34 -2.60
N ILE B 101 -5.79 18.53 -3.00
CA ILE B 101 -6.55 17.65 -2.08
C ILE B 101 -6.40 16.23 -2.59
N GLY B 102 -5.82 15.36 -1.77
CA GLY B 102 -5.61 13.97 -2.15
C GLY B 102 -6.17 13.03 -1.12
N VAL B 103 -5.89 11.74 -1.34
N VAL B 103 -5.82 11.75 -1.27
CA VAL B 103 -6.46 10.63 -0.53
CA VAL B 103 -6.46 10.69 -0.46
C VAL B 103 -5.40 9.55 -0.34
C VAL B 103 -5.53 9.49 -0.36
N SER B 104 -5.37 8.99 0.87
CA SER B 104 -4.59 7.79 1.20
C SER B 104 -5.41 7.02 2.23
N MET B 105 -6.32 6.19 1.72
CA MET B 105 -7.08 5.23 2.51
C MET B 105 -6.58 3.83 2.17
N GLY B 106 -6.25 3.07 3.22
CA GLY B 106 -5.61 1.77 3.02
C GLY B 106 -6.43 0.63 3.58
N SER B 107 -5.87 -0.54 3.47
CA SER B 107 -6.45 -1.77 4.05
C SER B 107 -5.33 -2.78 4.29
N GLY B 108 -5.46 -3.59 5.33
CA GLY B 108 -4.50 -4.66 5.62
C GLY B 108 -4.68 -5.84 4.69
N ILE B 109 -5.91 -6.31 4.53
CA ILE B 109 -6.18 -7.57 3.78
C ILE B 109 -7.08 -7.32 2.57
N GLY B 110 -7.84 -6.23 2.53
CA GLY B 110 -8.62 -5.86 1.36
C GLY B 110 -9.76 -6.84 1.10
N GLY B 111 -9.99 -7.18 -0.17
CA GLY B 111 -11.31 -7.66 -0.60
C GLY B 111 -11.53 -9.16 -0.41
N LEU B 112 -11.36 -9.67 0.80
CA LEU B 112 -11.47 -11.15 1.06
C LEU B 112 -12.86 -11.68 0.75
N THR B 113 -13.91 -10.96 1.17
CA THR B 113 -15.32 -11.34 0.97
C THR B 113 -15.58 -11.51 -0.52
N ASN B 114 -15.17 -10.53 -1.33
N ASN B 114 -15.12 -10.56 -1.34
CA ASN B 114 -15.33 -10.57 -2.81
CA ASN B 114 -15.37 -10.61 -2.79
C ASN B 114 -14.54 -11.75 -3.38
C ASN B 114 -14.51 -11.72 -3.43
N ILE B 115 -13.28 -11.91 -2.97
CA ILE B 115 -12.40 -13.01 -3.49
C ILE B 115 -13.10 -14.34 -3.21
N GLU B 116 -13.60 -14.50 -2.00
CA GLU B 116 -14.28 -15.72 -1.51
C GLU B 116 -15.51 -15.97 -2.37
N ASN B 117 -16.32 -14.96 -2.62
CA ASN B 117 -17.57 -15.12 -3.41
C ASN B 117 -17.22 -15.45 -4.86
N ASN B 118 -16.16 -14.83 -5.43
CA ASN B 118 -15.76 -15.08 -6.84
C ASN B 118 -15.09 -16.45 -6.96
N CYS B 119 -14.33 -16.88 -5.95
CA CYS B 119 -13.79 -18.27 -5.84
C CYS B 119 -14.90 -19.29 -5.96
N ARG B 120 -15.97 -19.06 -5.19
CA ARG B 120 -17.17 -19.93 -5.19
C ARG B 120 -17.59 -20.13 -6.65
N SER B 121 -17.84 -19.04 -7.37
CA SER B 121 -18.25 -19.04 -8.81
C SER B 121 -17.22 -19.80 -9.68
N LEU B 122 -15.94 -19.48 -9.56
CA LEU B 122 -14.87 -20.09 -10.39
C LEU B 122 -14.83 -21.62 -10.22
N PHE B 123 -14.87 -22.08 -8.97
CA PHE B 123 -14.75 -23.51 -8.61
C PHE B 123 -16.01 -24.26 -9.03
N GLU B 124 -17.17 -23.65 -8.82
CA GLU B 124 -18.46 -24.33 -9.07
C GLU B 124 -18.80 -24.34 -10.56
N GLN B 125 -18.61 -23.20 -11.24
N GLN B 125 -18.61 -23.23 -11.28
CA GLN B 125 -19.17 -22.92 -12.60
CA GLN B 125 -19.10 -23.10 -12.67
C GLN B 125 -18.05 -22.64 -13.62
C GLN B 125 -18.10 -22.42 -13.63
N GLY B 126 -16.85 -22.19 -13.20
CA GLY B 126 -15.75 -21.82 -14.11
C GLY B 126 -15.54 -20.32 -14.24
N PRO B 127 -14.51 -19.82 -14.95
CA PRO B 127 -14.20 -18.38 -14.95
C PRO B 127 -15.29 -17.50 -15.55
N ARG B 128 -16.24 -18.06 -16.30
CA ARG B 128 -17.21 -17.18 -17.02
C ARG B 128 -18.22 -16.64 -16.01
N ARG B 129 -18.23 -17.15 -14.78
CA ARG B 129 -19.12 -16.59 -13.72
C ARG B 129 -18.36 -15.60 -12.83
N ILE B 130 -17.10 -15.31 -13.12
CA ILE B 130 -16.37 -14.27 -12.32
C ILE B 130 -16.95 -12.91 -12.71
N SER B 131 -17.19 -12.04 -11.74
CA SER B 131 -17.73 -10.70 -12.01
C SER B 131 -16.75 -9.86 -12.82
N PRO B 132 -17.25 -9.10 -13.82
CA PRO B 132 -16.47 -8.07 -14.49
C PRO B 132 -15.82 -7.01 -13.58
N PHE B 133 -16.45 -6.77 -12.44
CA PHE B 133 -15.98 -5.74 -11.49
C PHE B 133 -15.11 -6.38 -10.43
N PHE B 134 -14.79 -7.67 -10.55
CA PHE B 134 -13.96 -8.35 -9.56
C PHE B 134 -12.69 -7.55 -9.23
N VAL B 135 -11.91 -7.17 -10.23
CA VAL B 135 -10.60 -6.55 -9.94
C VAL B 135 -10.83 -5.14 -9.40
N PRO B 136 -11.50 -4.22 -10.10
CA PRO B 136 -11.60 -2.85 -9.61
C PRO B 136 -12.50 -2.75 -8.37
N GLY B 137 -13.38 -3.74 -8.15
CA GLY B 137 -14.25 -3.73 -6.96
C GLY B 137 -13.60 -4.41 -5.76
N SER B 138 -12.35 -4.88 -5.86
CA SER B 138 -11.69 -5.63 -4.76
C SER B 138 -10.35 -5.04 -4.36
N ILE B 139 -9.67 -4.36 -5.26
CA ILE B 139 -8.26 -3.96 -4.96
C ILE B 139 -8.25 -2.79 -3.99
N ILE B 140 -7.16 -2.72 -3.24
CA ILE B 140 -7.15 -1.91 -1.98
C ILE B 140 -7.17 -0.41 -2.34
N ASN B 141 -6.66 -0.01 -3.51
CA ASN B 141 -6.58 1.45 -3.79
C ASN B 141 -7.92 1.99 -4.30
N MET B 142 -9.00 1.20 -4.28
CA MET B 142 -10.28 1.71 -4.83
C MET B 142 -11.05 2.59 -3.85
N VAL B 143 -10.75 2.62 -2.55
CA VAL B 143 -11.36 3.64 -1.67
C VAL B 143 -10.80 4.99 -2.16
N SER B 144 -9.49 5.10 -2.25
CA SER B 144 -8.84 6.35 -2.72
C SER B 144 -9.38 6.68 -4.12
N GLY B 145 -9.43 5.68 -4.99
CA GLY B 145 -9.88 5.87 -6.37
C GLY B 145 -11.31 6.39 -6.37
N PHE B 146 -12.26 5.70 -5.73
CA PHE B 146 -13.70 6.05 -5.85
C PHE B 146 -13.91 7.42 -5.20
N LEU B 147 -13.20 7.65 -4.08
CA LEU B 147 -13.37 8.92 -3.34
C LEU B 147 -12.90 10.08 -4.23
N SER B 148 -11.71 9.95 -4.80
N SER B 148 -11.71 9.93 -4.79
CA SER B 148 -11.16 11.00 -5.70
CA SER B 148 -11.12 10.93 -5.74
C SER B 148 -12.16 11.25 -6.85
C SER B 148 -12.11 11.23 -6.87
N ILE B 149 -12.72 10.20 -7.45
CA ILE B 149 -13.66 10.38 -8.61
C ILE B 149 -14.92 11.09 -8.12
N HIS B 150 -15.46 10.66 -7.00
CA HIS B 150 -16.76 11.20 -6.52
C HIS B 150 -16.61 12.69 -6.19
N LEU B 151 -15.51 13.07 -5.54
CA LEU B 151 -15.34 14.44 -4.98
C LEU B 151 -14.47 15.29 -5.89
N GLY B 152 -13.91 14.73 -6.96
CA GLY B 152 -13.09 15.47 -7.92
C GLY B 152 -11.74 15.84 -7.32
N LEU B 153 -11.13 14.95 -6.54
CA LEU B 153 -9.82 15.22 -5.89
C LEU B 153 -8.70 14.84 -6.85
N GLN B 154 -7.79 15.78 -7.09
CA GLN B 154 -6.73 15.57 -8.11
C GLN B 154 -5.37 15.56 -7.46
N GLY B 155 -5.29 15.68 -6.12
CA GLY B 155 -3.99 15.63 -5.41
C GLY B 155 -3.46 14.19 -5.36
N PRO B 156 -2.42 13.98 -4.53
CA PRO B 156 -1.81 12.66 -4.41
C PRO B 156 -2.89 11.63 -4.09
N ASN B 157 -2.87 10.54 -4.86
N ASN B 157 -2.85 10.52 -4.83
CA ASN B 157 -3.88 9.46 -4.78
CA ASN B 157 -3.89 9.45 -4.79
C ASN B 157 -3.14 8.13 -4.63
C ASN B 157 -3.17 8.12 -4.64
N TYR B 158 -3.20 7.54 -3.44
CA TYR B 158 -2.49 6.26 -3.19
C TYR B 158 -3.15 5.53 -2.04
N ALA B 159 -2.60 4.36 -1.77
CA ALA B 159 -3.12 3.46 -0.73
C ALA B 159 -1.93 2.69 -0.16
N LEU B 160 -1.86 2.67 1.16
CA LEU B 160 -0.87 1.86 1.90
C LEU B 160 -1.52 0.51 2.24
N THR B 161 -0.70 -0.51 2.39
CA THR B 161 -1.12 -1.79 2.97
C THR B 161 0.05 -2.29 3.82
N THR B 162 -0.03 -2.03 5.11
CA THR B 162 0.97 -2.46 6.09
C THR B 162 0.28 -3.24 7.18
N ALA B 163 -0.54 -4.19 6.76
CA ALA B 163 -1.21 -5.08 7.70
C ALA B 163 -1.88 -4.27 8.81
N GLN B 164 -1.61 -4.63 10.05
CA GLN B 164 -2.29 -4.01 11.21
C GLN B 164 -1.78 -2.59 11.47
N THR B 165 -0.82 -2.11 10.70
CA THR B 165 -0.20 -0.77 10.88
C THR B 165 -0.79 0.19 9.84
N THR B 166 -1.61 -0.32 8.93
CA THR B 166 -2.05 0.45 7.74
C THR B 166 -2.64 1.80 8.12
N GLY B 167 -3.58 1.86 9.06
CA GLY B 167 -4.29 3.13 9.30
C GLY B 167 -3.35 4.20 9.88
N THR B 168 -2.44 3.79 10.74
CA THR B 168 -1.43 4.71 11.32
C THR B 168 -0.49 5.24 10.23
N HIS B 169 0.06 4.34 9.41
CA HIS B 169 0.98 4.76 8.35
C HIS B 169 0.25 5.66 7.35
N SER B 170 -1.00 5.34 7.03
CA SER B 170 -1.75 6.12 6.02
C SER B 170 -1.84 7.57 6.52
N ILE B 171 -2.25 7.73 7.75
CA ILE B 171 -2.40 9.08 8.34
C ILE B 171 -1.04 9.78 8.40
N GLY B 172 -0.01 9.10 8.86
CA GLY B 172 1.32 9.71 9.02
C GLY B 172 1.89 10.18 7.70
N MET B 173 1.80 9.34 6.67
N MET B 173 1.81 9.33 6.67
CA MET B 173 2.37 9.67 5.33
CA MET B 173 2.36 9.67 5.33
C MET B 173 1.52 10.76 4.64
C MET B 173 1.54 10.78 4.67
N ALA B 174 0.21 10.79 4.89
CA ALA B 174 -0.63 11.90 4.40
C ALA B 174 -0.18 13.20 5.09
N ALA B 175 0.12 13.15 6.38
CA ALA B 175 0.60 14.34 7.13
C ALA B 175 1.93 14.80 6.54
N ARG B 176 2.85 13.89 6.17
CA ARG B 176 4.11 14.26 5.50
C ARG B 176 3.81 14.98 4.18
N ASN B 177 2.84 14.48 3.42
CA ASN B 177 2.50 15.08 2.12
C ASN B 177 2.17 16.55 2.36
N ILE B 178 1.39 16.84 3.40
CA ILE B 178 0.96 18.24 3.64
C ILE B 178 2.14 19.03 4.19
N ALA B 179 2.84 18.48 5.16
CA ALA B 179 3.99 19.17 5.84
C ALA B 179 5.00 19.64 4.81
N TYR B 180 5.28 18.84 3.79
CA TYR B 180 6.35 19.08 2.79
C TYR B 180 5.78 19.73 1.52
N GLY B 181 4.52 20.14 1.55
CA GLY B 181 3.93 21.00 0.50
C GLY B 181 3.47 20.27 -0.74
N GLU B 182 3.28 18.94 -0.68
CA GLU B 182 2.81 18.15 -1.85
C GLU B 182 1.28 18.19 -1.91
N ALA B 183 0.62 18.60 -0.83
CA ALA B 183 -0.86 18.73 -0.77
C ALA B 183 -1.21 19.71 0.33
N ASP B 184 -2.40 20.31 0.25
CA ASP B 184 -2.89 21.13 1.37
C ASP B 184 -3.88 20.36 2.22
N VAL B 185 -4.57 19.37 1.65
CA VAL B 185 -5.59 18.56 2.40
C VAL B 185 -5.41 17.12 1.96
N MET B 186 -5.49 16.20 2.90
CA MET B 186 -5.54 14.75 2.55
C MET B 186 -6.63 14.08 3.37
N VAL B 187 -7.34 13.17 2.73
CA VAL B 187 -8.27 12.26 3.46
C VAL B 187 -7.50 10.97 3.72
N ALA B 188 -7.36 10.53 4.95
CA ALA B 188 -6.43 9.45 5.25
C ALA B 188 -7.00 8.53 6.32
N GLY B 189 -6.64 7.26 6.26
CA GLY B 189 -7.12 6.29 7.24
C GLY B 189 -7.16 4.92 6.62
N GLY B 190 -8.13 4.10 6.98
CA GLY B 190 -8.15 2.72 6.49
C GLY B 190 -9.48 2.06 6.75
N SER B 191 -9.67 0.88 6.17
CA SER B 191 -10.92 0.14 6.27
C SER B 191 -10.62 -1.35 6.12
N GLU B 192 -11.49 -2.15 6.67
CA GLU B 192 -11.26 -3.60 6.73
C GLU B 192 -12.60 -4.30 6.91
N MET B 193 -12.76 -5.41 6.19
N MET B 193 -12.74 -5.41 6.18
CA MET B 193 -13.86 -6.38 6.45
CA MET B 193 -13.85 -6.39 6.31
C MET B 193 -13.30 -7.76 6.07
C MET B 193 -13.27 -7.78 6.03
N ALA B 194 -12.68 -8.41 7.05
CA ALA B 194 -12.01 -9.70 6.89
C ALA B 194 -12.82 -10.80 7.60
N ALA B 195 -14.09 -10.58 7.95
CA ALA B 195 -14.95 -11.63 8.60
C ALA B 195 -15.53 -12.48 7.50
N CYS B 196 -14.71 -13.28 6.88
CA CYS B 196 -15.13 -14.28 5.90
C CYS B 196 -14.48 -15.56 6.39
N GLY B 197 -14.80 -16.67 5.75
CA GLY B 197 -14.13 -17.95 5.99
C GLY B 197 -12.64 -17.75 5.99
N LEU B 198 -12.11 -17.08 4.97
CA LEU B 198 -10.65 -16.91 4.80
C LEU B 198 -10.05 -16.13 5.98
N GLY B 199 -10.72 -15.09 6.48
CA GLY B 199 -10.19 -14.22 7.56
C GLY B 199 -10.24 -14.94 8.90
N LEU B 200 -11.43 -15.38 9.27
CA LEU B 200 -11.63 -16.15 10.51
C LEU B 200 -10.83 -17.44 10.42
N GLY B 201 -10.85 -18.11 9.26
CA GLY B 201 -10.09 -19.34 9.04
C GLY B 201 -8.58 -19.15 9.00
N GLY B 202 -8.10 -18.12 8.30
CA GLY B 202 -6.68 -17.77 8.20
C GLY B 202 -6.05 -17.42 9.54
N PHE B 203 -6.65 -16.52 10.31
CA PHE B 203 -6.11 -16.18 11.65
C PHE B 203 -6.27 -17.37 12.59
N GLY B 204 -7.38 -18.11 12.46
CA GLY B 204 -7.70 -19.30 13.27
C GLY B 204 -6.65 -20.37 13.07
N ALA B 205 -6.24 -20.63 11.82
CA ALA B 205 -5.21 -21.61 11.49
C ALA B 205 -3.88 -21.28 12.17
N ALA B 206 -3.60 -19.99 12.40
CA ALA B 206 -2.36 -19.51 13.06
C ALA B 206 -2.55 -19.49 14.59
N ARG B 207 -3.74 -19.85 15.04
CA ARG B 207 -4.20 -19.87 16.45
C ARG B 207 -3.97 -18.50 17.06
N ALA B 208 -4.23 -17.45 16.30
CA ALA B 208 -3.95 -16.06 16.69
C ALA B 208 -5.16 -15.44 17.39
N LEU B 209 -6.34 -15.98 17.15
CA LEU B 209 -7.63 -15.43 17.65
C LEU B 209 -7.95 -15.98 19.04
N SER B 210 -8.57 -15.18 19.85
CA SER B 210 -9.31 -15.64 21.03
C SER B 210 -10.36 -16.66 20.59
N THR B 211 -10.52 -17.72 21.38
CA THR B 211 -11.56 -18.76 21.18
C THR B 211 -12.55 -18.77 22.35
N ARG B 212 -12.72 -17.65 23.04
CA ARG B 212 -13.67 -17.50 24.17
C ARG B 212 -15.10 -17.31 23.63
N ASN B 213 -15.62 -18.32 22.95
CA ASN B 213 -16.93 -18.31 22.25
C ASN B 213 -18.04 -18.11 23.26
N ASP B 214 -17.87 -18.60 24.48
CA ASP B 214 -18.92 -18.57 25.52
C ASP B 214 -19.14 -17.14 26.02
N GLU B 215 -18.15 -16.24 25.94
CA GLU B 215 -18.26 -14.86 26.50
C GLU B 215 -17.54 -13.88 25.57
N PRO B 216 -18.10 -13.65 24.38
CA PRO B 216 -17.41 -12.83 23.37
C PRO B 216 -17.00 -11.44 23.87
N THR B 217 -17.80 -10.84 24.73
CA THR B 217 -17.55 -9.46 25.21
C THR B 217 -16.34 -9.46 26.16
N ARG B 218 -15.99 -10.61 26.72
CA ARG B 218 -14.82 -10.72 27.63
C ARG B 218 -13.61 -11.25 26.90
N ALA B 219 -13.69 -11.52 25.58
CA ALA B 219 -12.58 -12.16 24.85
C ALA B 219 -11.40 -11.22 24.79
N SER B 220 -11.63 -9.96 24.38
CA SER B 220 -10.55 -8.98 24.14
C SER B 220 -10.19 -8.37 25.50
N ARG B 221 -9.03 -8.76 26.03
CA ARG B 221 -8.69 -8.44 27.43
C ARG B 221 -7.21 -8.09 27.50
N PRO B 222 -6.79 -6.97 26.88
CA PRO B 222 -5.36 -6.63 26.78
C PRO B 222 -4.71 -6.54 28.18
N TRP B 223 -3.53 -7.14 28.25
CA TRP B 223 -2.65 -7.19 29.44
C TRP B 223 -3.26 -8.05 30.56
N ASP B 224 -4.42 -8.66 30.36
CA ASP B 224 -5.06 -9.52 31.39
C ASP B 224 -4.41 -10.89 31.32
N ARG B 225 -4.22 -11.55 32.45
CA ARG B 225 -3.39 -12.78 32.46
C ARG B 225 -4.10 -13.94 31.76
N ASP B 226 -5.40 -13.82 31.50
CA ASP B 226 -6.22 -14.87 30.84
C ASP B 226 -6.52 -14.57 29.36
N ARG B 227 -5.86 -13.58 28.77
CA ARG B 227 -6.01 -13.27 27.33
C ARG B 227 -5.51 -14.47 26.53
N ASP B 228 -6.04 -14.65 25.33
CA ASP B 228 -5.78 -15.85 24.49
C ASP B 228 -5.85 -15.48 23.01
N GLY B 229 -5.52 -14.23 22.69
CA GLY B 229 -5.38 -13.77 21.31
C GLY B 229 -6.36 -12.67 20.94
N PHE B 230 -6.23 -12.14 19.75
CA PHE B 230 -7.03 -10.95 19.37
C PHE B 230 -8.42 -11.36 18.90
N VAL B 231 -9.25 -10.33 18.79
CA VAL B 231 -10.65 -10.44 18.34
C VAL B 231 -10.72 -9.71 16.99
N LEU B 232 -11.24 -10.39 15.98
CA LEU B 232 -11.28 -9.81 14.61
C LEU B 232 -12.48 -8.89 14.45
N SER B 233 -12.24 -7.68 13.95
CA SER B 233 -13.30 -6.65 13.86
C SER B 233 -13.21 -5.92 12.52
N ASP B 234 -14.35 -5.35 12.16
CA ASP B 234 -14.58 -4.70 10.84
C ASP B 234 -14.81 -3.22 11.06
N GLY B 235 -14.55 -2.44 10.02
CA GLY B 235 -14.95 -1.03 10.02
C GLY B 235 -13.97 -0.14 9.31
N SER B 236 -13.95 1.12 9.68
CA SER B 236 -13.20 2.14 8.92
C SER B 236 -13.05 3.39 9.77
N GLY B 237 -11.94 4.08 9.54
CA GLY B 237 -11.73 5.42 10.12
C GLY B 237 -11.11 6.29 9.03
N ALA B 238 -11.51 7.54 8.98
CA ALA B 238 -10.97 8.52 8.02
C ALA B 238 -10.81 9.84 8.74
N LEU B 239 -9.72 10.53 8.46
CA LEU B 239 -9.48 11.87 9.00
C LEU B 239 -9.24 12.82 7.83
N VAL B 240 -9.72 14.03 7.96
CA VAL B 240 -9.30 15.12 7.07
C VAL B 240 -8.13 15.82 7.73
N LEU B 241 -6.97 15.69 7.11
CA LEU B 241 -5.72 16.37 7.53
C LEU B 241 -5.60 17.63 6.69
N GLU B 242 -5.15 18.72 7.29
CA GLU B 242 -5.21 20.01 6.60
C GLU B 242 -4.04 20.85 7.09
N GLU B 243 -3.41 21.52 6.14
CA GLU B 243 -2.37 22.52 6.48
C GLU B 243 -2.99 23.60 7.36
N LEU B 244 -2.29 24.03 8.40
CA LEU B 244 -2.88 24.91 9.43
C LEU B 244 -3.37 26.24 8.83
N GLU B 245 -2.55 26.94 8.09
CA GLU B 245 -2.96 28.28 7.55
C GLU B 245 -4.20 28.10 6.65
N HIS B 246 -4.25 27.02 5.88
CA HIS B 246 -5.41 26.67 5.03
C HIS B 246 -6.64 26.49 5.93
N ALA B 247 -6.54 25.75 7.04
CA ALA B 247 -7.67 25.53 7.98
C ALA B 247 -8.12 26.86 8.59
N ARG B 248 -7.16 27.67 9.02
CA ARG B 248 -7.48 28.97 9.68
C ARG B 248 -8.14 29.91 8.70
N ALA B 249 -7.69 29.93 7.44
CA ALA B 249 -8.19 30.90 6.44
C ALA B 249 -9.69 30.68 6.19
N ARG B 250 -10.14 29.43 6.21
CA ARG B 250 -11.56 29.12 5.91
C ARG B 250 -12.41 29.01 7.18
N GLY B 251 -11.83 29.19 8.36
CA GLY B 251 -12.54 29.15 9.64
C GLY B 251 -12.87 27.72 10.04
N ALA B 252 -12.01 26.77 9.69
CA ALA B 252 -12.26 25.35 10.01
C ALA B 252 -12.33 25.18 11.53
N ARG B 253 -13.09 24.19 11.97
CA ARG B 253 -13.03 23.70 13.37
C ARG B 253 -11.85 22.74 13.41
N ILE B 254 -10.89 23.03 14.27
CA ILE B 254 -9.67 22.19 14.43
C ILE B 254 -9.82 21.31 15.66
N TYR B 255 -9.80 19.98 15.51
CA TYR B 255 -9.86 19.07 16.67
C TYR B 255 -8.53 19.02 17.43
N ALA B 256 -7.43 18.99 16.72
CA ALA B 256 -6.10 18.69 17.28
C ALA B 256 -5.06 18.87 16.21
N GLU B 257 -3.82 18.92 16.63
CA GLU B 257 -2.67 19.03 15.72
C GLU B 257 -1.93 17.71 15.67
N LEU B 258 -1.50 17.32 14.46
CA LEU B 258 -0.69 16.11 14.28
C LEU B 258 0.76 16.59 14.22
N VAL B 259 1.50 16.40 15.31
CA VAL B 259 2.85 17.00 15.49
C VAL B 259 3.97 15.99 15.20
N GLY B 260 3.72 14.67 15.28
CA GLY B 260 4.79 13.70 15.05
C GLY B 260 4.28 12.41 14.42
N PHE B 261 5.17 11.76 13.69
CA PHE B 261 4.93 10.47 13.04
C PHE B 261 6.26 9.72 13.09
N GLY B 262 6.19 8.50 13.58
CA GLY B 262 7.30 7.55 13.58
C GLY B 262 6.95 6.28 12.84
N MET B 263 7.99 5.71 12.24
CA MET B 263 7.97 4.41 11.54
C MET B 263 9.24 3.70 12.03
N SER B 264 9.15 2.42 12.14
CA SER B 264 10.34 1.59 12.32
C SER B 264 9.97 0.19 11.86
N GLY B 265 10.99 -0.60 11.62
CA GLY B 265 10.84 -2.05 11.41
C GLY B 265 11.52 -2.78 12.55
N ASP B 266 10.86 -3.77 13.10
CA ASP B 266 11.46 -4.69 14.13
C ASP B 266 12.64 -5.44 13.51
N ALA B 267 12.47 -5.88 12.25
CA ALA B 267 13.37 -6.84 11.58
C ALA B 267 13.53 -8.12 12.42
N PHE B 268 12.45 -8.59 13.04
CA PHE B 268 12.53 -9.65 14.06
C PHE B 268 11.85 -10.92 13.54
N HIS B 269 10.53 -10.90 13.36
CA HIS B 269 9.71 -12.10 13.05
C HIS B 269 8.50 -11.72 12.22
N MET B 270 7.94 -12.69 11.47
CA MET B 270 6.85 -12.45 10.48
C MET B 270 5.58 -12.01 11.21
N THR B 271 5.29 -12.49 12.42
CA THR B 271 3.99 -12.21 13.08
C THR B 271 4.17 -11.79 14.54
N ALA B 272 5.28 -12.15 15.18
CA ALA B 272 5.52 -11.91 16.63
C ALA B 272 6.43 -10.72 16.83
N PRO B 273 6.18 -9.85 17.81
CA PRO B 273 7.11 -8.77 18.13
C PRO B 273 8.21 -9.29 19.05
N PRO B 274 9.38 -8.60 19.12
CA PRO B 274 10.41 -9.00 20.06
C PRO B 274 9.89 -8.75 21.48
N GLU B 275 10.32 -9.59 22.42
CA GLU B 275 9.73 -9.63 23.79
C GLU B 275 9.90 -8.29 24.47
N ASP B 276 10.98 -7.58 24.16
CA ASP B 276 11.35 -6.30 24.81
C ASP B 276 10.76 -5.11 24.04
N GLY B 277 10.01 -5.36 22.97
CA GLY B 277 9.38 -4.26 22.18
C GLY B 277 10.40 -3.26 21.66
N ALA B 278 11.62 -3.69 21.32
CA ALA B 278 12.69 -2.78 20.85
C ALA B 278 12.20 -1.94 19.65
N GLY B 279 11.45 -2.57 18.76
CA GLY B 279 11.01 -1.89 17.51
C GLY B 279 9.98 -0.84 17.83
N ALA B 280 9.03 -1.17 18.69
CA ALA B 280 8.00 -0.22 19.17
C ALA B 280 8.71 0.93 19.90
N ALA B 281 9.75 0.65 20.70
CA ALA B 281 10.47 1.72 21.41
C ALA B 281 11.14 2.67 20.43
N ARG B 282 11.82 2.17 19.40
CA ARG B 282 12.48 3.01 18.37
C ARG B 282 11.42 3.87 17.67
N CYS B 283 10.29 3.28 17.36
CA CYS B 283 9.23 3.94 16.59
C CYS B 283 8.70 5.10 17.43
N MET B 284 8.40 4.87 18.70
CA MET B 284 7.87 5.96 19.55
C MET B 284 8.94 7.06 19.71
N LYS B 285 10.20 6.68 19.92
CA LYS B 285 11.30 7.67 20.05
C LYS B 285 11.40 8.47 18.76
N ASN B 286 11.26 7.82 17.59
CA ASN B 286 11.30 8.53 16.31
C ASN B 286 10.15 9.54 16.23
N ALA B 287 8.95 9.15 16.65
CA ALA B 287 7.74 10.00 16.59
C ALA B 287 7.92 11.21 17.52
N LEU B 288 8.48 10.98 18.70
CA LEU B 288 8.70 12.09 19.65
C LEU B 288 9.80 13.01 19.11
N ARG B 289 10.91 12.49 18.58
CA ARG B 289 11.97 13.32 17.99
C ARG B 289 11.34 14.14 16.85
N ASP B 290 10.50 13.51 16.04
CA ASP B 290 9.83 14.19 14.91
C ASP B 290 8.97 15.35 15.42
N ALA B 291 8.35 15.21 16.59
CA ALA B 291 7.49 16.26 17.19
C ALA B 291 8.31 17.28 18.00
N GLY B 292 9.61 17.07 18.19
CA GLY B 292 10.42 17.91 19.10
C GLY B 292 9.93 17.81 20.54
N LEU B 293 9.39 16.67 20.95
CA LEU B 293 8.89 16.48 22.32
C LEU B 293 9.76 15.52 23.10
N ASP B 294 9.88 15.79 24.38
N ASP B 294 9.95 15.79 24.39
CA ASP B 294 10.52 14.91 25.39
CA ASP B 294 10.58 14.84 25.34
C ASP B 294 9.52 13.82 25.77
C ASP B 294 9.52 13.82 25.73
N PRO B 295 9.92 12.54 25.95
CA PRO B 295 8.99 11.53 26.45
C PRO B 295 8.14 12.01 27.64
N ARG B 296 8.70 12.85 28.50
CA ARG B 296 7.98 13.33 29.70
C ARG B 296 6.74 14.16 29.36
N GLN B 297 6.62 14.67 28.13
CA GLN B 297 5.45 15.48 27.74
C GLN B 297 4.25 14.61 27.37
N VAL B 298 4.43 13.30 27.20
CA VAL B 298 3.30 12.44 26.78
C VAL B 298 2.35 12.22 27.96
N ASP B 299 1.05 12.38 27.71
CA ASP B 299 0.00 12.20 28.75
C ASP B 299 -0.81 10.93 28.51
N TYR B 300 -1.04 10.54 27.26
CA TYR B 300 -1.98 9.45 26.95
C TYR B 300 -1.45 8.67 25.75
N ILE B 301 -1.49 7.35 25.87
CA ILE B 301 -1.11 6.44 24.77
C ILE B 301 -2.30 5.56 24.47
N ASN B 302 -2.73 5.59 23.22
CA ASN B 302 -3.66 4.55 22.72
C ASN B 302 -2.79 3.43 22.21
N ALA B 303 -2.70 2.36 22.98
CA ALA B 303 -1.82 1.20 22.72
C ALA B 303 -2.31 0.49 21.47
N HIS B 304 -1.45 -0.27 20.84
CA HIS B 304 -1.90 -1.27 19.87
C HIS B 304 -2.75 -2.31 20.64
N GLY B 305 -2.20 -2.86 21.74
CA GLY B 305 -3.00 -3.56 22.77
C GLY B 305 -3.99 -4.60 22.19
N THR B 306 -3.47 -5.57 21.44
CA THR B 306 -4.30 -6.52 20.65
C THR B 306 -4.87 -7.68 21.48
N SER B 307 -4.42 -7.90 22.72
CA SER B 307 -4.86 -9.04 23.58
C SER B 307 -4.12 -10.34 23.18
N THR B 308 -2.96 -10.25 22.54
CA THR B 308 -2.09 -11.42 22.27
C THR B 308 -1.10 -11.50 23.42
N PRO B 309 -0.71 -12.72 23.83
CA PRO B 309 0.29 -12.87 24.89
C PRO B 309 1.54 -12.02 24.61
N ALA B 310 2.21 -12.20 23.47
CA ALA B 310 3.52 -11.58 23.23
C ALA B 310 3.36 -10.06 22.93
N GLY B 311 2.34 -9.67 22.17
CA GLY B 311 2.19 -8.25 21.76
C GLY B 311 2.00 -7.34 22.96
N ASP B 312 1.11 -7.73 23.86
CA ASP B 312 0.73 -6.84 24.98
C ASP B 312 1.95 -6.61 25.86
N ILE B 313 2.67 -7.69 26.18
CA ILE B 313 3.86 -7.55 27.08
C ILE B 313 4.99 -6.76 26.40
N ALA B 314 5.20 -6.91 25.09
CA ALA B 314 6.18 -6.13 24.31
C ALA B 314 5.91 -4.63 24.44
N GLU B 315 4.63 -4.23 24.39
N GLU B 315 4.64 -4.25 24.43
CA GLU B 315 4.26 -2.79 24.48
CA GLU B 315 4.22 -2.83 24.46
C GLU B 315 4.60 -2.24 25.86
C GLU B 315 4.50 -2.23 25.84
N ILE B 316 4.31 -3.00 26.92
CA ILE B 316 4.66 -2.57 28.31
C ILE B 316 6.16 -2.32 28.34
N ALA B 317 6.97 -3.28 27.87
CA ALA B 317 8.44 -3.11 27.87
C ALA B 317 8.85 -1.90 27.05
N ALA B 318 8.29 -1.71 25.87
CA ALA B 318 8.62 -0.54 25.05
C ALA B 318 8.33 0.77 25.82
N VAL B 319 7.16 0.88 26.41
CA VAL B 319 6.74 2.12 27.12
C VAL B 319 7.69 2.36 28.30
N LYS B 320 8.00 1.32 29.07
CA LYS B 320 8.96 1.47 30.20
C LYS B 320 10.31 1.97 29.68
N SER B 321 10.80 1.42 28.57
CA SER B 321 12.09 1.78 27.97
C SER B 321 12.08 3.25 27.56
N VAL B 322 11.03 3.66 26.85
CA VAL B 322 10.98 5.00 26.24
C VAL B 322 10.80 6.06 27.34
N PHE B 323 9.96 5.78 28.33
CA PHE B 323 9.42 6.81 29.23
C PHE B 323 10.07 6.78 30.60
N GLY B 324 10.82 5.73 30.96
CA GLY B 324 11.60 5.73 32.22
C GLY B 324 10.71 6.11 33.40
N GLU B 325 11.10 7.14 34.17
CA GLU B 325 10.40 7.53 35.42
C GLU B 325 9.07 8.23 35.10
N HIS B 326 8.72 8.44 33.82
CA HIS B 326 7.40 9.01 33.44
C HIS B 326 6.44 7.88 33.00
N ALA B 327 6.92 6.65 32.91
CA ALA B 327 6.14 5.53 32.33
C ALA B 327 4.83 5.27 33.08
N HIS B 328 4.77 5.54 34.39
CA HIS B 328 3.57 5.32 35.23
C HIS B 328 2.66 6.53 35.24
N ALA B 329 3.18 7.72 34.91
CA ALA B 329 2.44 9.01 34.99
C ALA B 329 1.47 9.12 33.80
N LEU B 330 1.94 8.76 32.60
CA LEU B 330 1.01 8.71 31.46
C LEU B 330 -0.05 7.65 31.74
N SER B 331 -1.17 7.76 31.05
CA SER B 331 -2.19 6.69 30.99
C SER B 331 -2.08 6.02 29.64
N MET B 332 -2.21 4.71 29.61
CA MET B 332 -2.13 3.93 28.34
C MET B 332 -3.31 2.98 28.34
N SER B 333 -4.14 3.03 27.31
CA SER B 333 -5.29 2.10 27.25
C SER B 333 -5.39 1.48 25.86
N SER B 334 -5.97 0.30 25.83
CA SER B 334 -6.34 -0.39 24.60
C SER B 334 -7.84 -0.29 24.39
N THR B 335 -8.26 0.52 23.42
CA THR B 335 -9.68 0.55 23.00
C THR B 335 -10.05 -0.76 22.27
N LYS B 336 -9.09 -1.59 21.87
CA LYS B 336 -9.40 -2.93 21.29
C LYS B 336 -10.12 -3.81 22.32
N SER B 337 -10.00 -3.49 23.61
CA SER B 337 -10.77 -4.19 24.67
C SER B 337 -12.28 -4.11 24.37
N MET B 338 -12.71 -3.05 23.69
CA MET B 338 -14.14 -2.80 23.32
C MET B 338 -14.41 -3.08 21.83
N THR B 339 -13.54 -2.62 20.94
CA THR B 339 -13.79 -2.61 19.48
C THR B 339 -13.32 -3.91 18.84
N GLY B 340 -12.46 -4.67 19.51
CA GLY B 340 -11.63 -5.68 18.85
C GLY B 340 -10.65 -5.01 17.89
N HIS B 341 -10.06 -5.83 17.06
CA HIS B 341 -8.88 -5.47 16.26
C HIS B 341 -9.36 -5.26 14.82
N LEU B 342 -9.47 -4.00 14.39
CA LEU B 342 -9.91 -3.69 12.99
C LEU B 342 -8.77 -3.82 11.97
N LEU B 343 -7.65 -4.46 12.33
CA LEU B 343 -6.52 -4.72 11.42
C LEU B 343 -6.11 -3.41 10.72
N GLY B 344 -6.20 -3.29 9.39
CA GLY B 344 -5.72 -2.08 8.74
C GLY B 344 -6.50 -0.83 9.12
N ALA B 345 -7.70 -0.94 9.69
CA ALA B 345 -8.50 0.21 10.12
C ALA B 345 -8.23 0.50 11.59
N ALA B 346 -7.54 -0.38 12.32
CA ALA B 346 -7.30 -0.15 13.77
C ALA B 346 -6.63 1.22 14.02
N GLY B 347 -5.57 1.52 13.26
CA GLY B 347 -4.81 2.75 13.46
C GLY B 347 -5.66 3.96 13.14
N ALA B 348 -6.62 3.81 12.22
CA ALA B 348 -7.46 4.94 11.81
C ALA B 348 -8.47 5.24 12.95
N VAL B 349 -9.22 4.24 13.40
CA VAL B 349 -10.25 4.51 14.45
C VAL B 349 -9.51 4.91 15.74
N GLU B 350 -8.30 4.38 15.98
CA GLU B 350 -7.59 4.71 17.25
C GLU B 350 -6.97 6.10 17.19
N ALA B 351 -6.53 6.58 16.02
CA ALA B 351 -6.16 8.01 15.86
C ALA B 351 -7.34 8.90 16.20
N ILE B 352 -8.54 8.53 15.76
CA ILE B 352 -9.74 9.34 16.08
C ILE B 352 -9.96 9.32 17.59
N PHE B 353 -9.88 8.15 18.22
CA PHE B 353 -10.11 8.08 19.69
C PHE B 353 -9.04 8.89 20.43
N SER B 354 -7.82 8.93 19.90
CA SER B 354 -6.72 9.72 20.51
C SER B 354 -7.02 11.20 20.43
N VAL B 355 -7.50 11.65 19.27
CA VAL B 355 -7.92 13.04 19.07
C VAL B 355 -9.08 13.37 20.02
N LEU B 356 -10.04 12.48 20.19
CA LEU B 356 -11.21 12.78 21.07
C LEU B 356 -10.78 12.73 22.55
N ALA B 357 -9.77 11.94 22.90
CA ALA B 357 -9.21 11.95 24.27
C ALA B 357 -8.68 13.36 24.57
N LEU B 358 -8.08 14.00 23.60
CA LEU B 358 -7.57 15.39 23.70
C LEU B 358 -8.75 16.37 23.78
N ARG B 359 -9.75 16.21 22.93
CA ARG B 359 -10.92 17.11 22.98
C ARG B 359 -11.58 17.03 24.36
N ASP B 360 -11.79 15.82 24.88
CA ASP B 360 -12.67 15.61 26.05
C ASP B 360 -11.88 15.45 27.35
N GLN B 361 -10.54 15.46 27.28
CA GLN B 361 -9.67 15.34 28.50
C GLN B 361 -10.10 14.09 29.25
N VAL B 362 -10.06 12.95 28.58
CA VAL B 362 -10.47 11.66 29.21
C VAL B 362 -9.70 10.55 28.53
N ALA B 363 -9.11 9.67 29.34
CA ALA B 363 -8.49 8.42 28.87
C ALA B 363 -9.56 7.36 28.79
N PRO B 364 -9.82 6.79 27.59
CA PRO B 364 -10.70 5.64 27.49
C PRO B 364 -10.21 4.44 28.27
N PRO B 365 -11.13 3.54 28.70
CA PRO B 365 -10.75 2.41 29.52
C PRO B 365 -10.12 1.29 28.70
N THR B 366 -9.33 0.46 29.38
CA THR B 366 -9.09 -0.92 28.96
C THR B 366 -10.10 -1.76 29.71
N ILE B 367 -11.20 -2.16 29.08
CA ILE B 367 -12.17 -3.06 29.76
C ILE B 367 -11.57 -4.48 29.84
N ASN B 368 -12.10 -5.30 30.74
CA ASN B 368 -11.76 -6.74 30.93
C ASN B 368 -10.40 -6.91 31.64
N LEU B 369 -9.79 -5.85 32.14
CA LEU B 369 -8.42 -5.92 32.70
C LEU B 369 -8.60 -6.29 34.17
N ASP B 370 -9.02 -7.53 34.40
CA ASP B 370 -9.49 -8.03 35.70
C ASP B 370 -8.28 -8.41 36.56
N ASN B 371 -7.26 -9.01 35.94
CA ASN B 371 -6.03 -9.51 36.58
C ASN B 371 -4.85 -9.18 35.70
N PRO B 372 -4.29 -7.96 35.85
CA PRO B 372 -3.09 -7.59 35.11
C PRO B 372 -2.01 -8.66 35.25
N ASP B 373 -1.36 -8.92 34.13
CA ASP B 373 -0.33 -9.97 34.02
C ASP B 373 0.96 -9.47 34.67
N GLU B 374 1.91 -10.37 34.84
CA GLU B 374 3.26 -10.09 35.39
C GLU B 374 3.86 -8.86 34.70
N GLY B 375 4.19 -7.83 35.47
CA GLY B 375 4.89 -6.65 34.95
C GLY B 375 3.96 -5.66 34.27
N CYS B 376 2.66 -5.96 34.18
CA CYS B 376 1.66 -5.05 33.55
C CYS B 376 1.15 -4.07 34.61
N ASP B 377 2.04 -3.26 35.19
CA ASP B 377 1.71 -2.46 36.40
C ASP B 377 1.67 -0.96 36.05
N LEU B 378 1.54 -0.62 34.76
CA LEU B 378 1.35 0.78 34.31
C LEU B 378 -0.08 1.23 34.63
N ASP B 379 -0.37 2.50 34.42
CA ASP B 379 -1.75 3.02 34.46
C ASP B 379 -2.44 2.61 33.14
N LEU B 380 -3.10 1.47 33.15
CA LEU B 380 -3.71 0.89 31.93
C LEU B 380 -5.18 1.24 31.88
N VAL B 381 -5.61 2.20 32.74
CA VAL B 381 -7.02 2.68 32.77
C VAL B 381 -7.98 1.49 32.85
N ALA B 382 -7.74 0.54 33.75
CA ALA B 382 -8.64 -0.63 33.89
C ALA B 382 -10.10 -0.21 34.14
N HIS B 383 -10.99 -0.83 33.36
CA HIS B 383 -12.45 -0.97 33.54
C HIS B 383 -13.22 0.30 33.19
N GLU B 384 -12.77 1.48 33.61
CA GLU B 384 -13.54 2.75 33.57
C GLU B 384 -12.70 3.90 33.01
N ALA B 385 -13.33 4.76 32.21
CA ALA B 385 -12.73 5.97 31.63
C ALA B 385 -12.18 6.84 32.76
N LYS B 386 -11.07 7.50 32.51
CA LYS B 386 -10.41 8.37 33.51
C LYS B 386 -10.26 9.78 32.93
N PRO B 387 -11.09 10.74 33.38
CA PRO B 387 -10.83 12.15 33.16
C PRO B 387 -9.45 12.49 33.71
N ARG B 388 -8.66 13.20 32.92
CA ARG B 388 -7.29 13.59 33.29
C ARG B 388 -6.82 14.68 32.33
N LYS B 389 -5.73 15.33 32.69
CA LYS B 389 -5.10 16.28 31.77
C LYS B 389 -4.44 15.52 30.63
N ILE B 390 -4.74 15.90 29.40
CA ILE B 390 -4.09 15.32 28.20
C ILE B 390 -3.74 16.44 27.24
N ASP B 391 -2.46 16.76 27.15
CA ASP B 391 -1.97 17.72 26.13
C ASP B 391 -1.38 16.99 24.93
N VAL B 392 -0.78 15.82 25.16
CA VAL B 392 -0.05 15.08 24.11
C VAL B 392 -0.53 13.64 24.21
N ALA B 393 -1.03 13.09 23.09
CA ALA B 393 -1.56 11.71 22.99
C ALA B 393 -0.82 11.00 21.88
N LEU B 394 -0.37 9.76 22.13
CA LEU B 394 0.29 8.94 21.10
C LEU B 394 -0.72 7.86 20.70
N SER B 395 -0.61 7.39 19.46
CA SER B 395 -1.33 6.19 19.02
C SER B 395 -0.37 5.27 18.30
N ASN B 396 -0.26 4.05 18.79
CA ASN B 396 0.72 3.05 18.29
C ASN B 396 0.02 1.92 17.53
N SER B 397 0.66 1.47 16.45
CA SER B 397 0.29 0.25 15.71
C SER B 397 1.55 -0.57 15.42
N PHE B 398 1.47 -1.88 15.69
CA PHE B 398 2.56 -2.86 15.46
C PHE B 398 1.91 -3.94 14.56
N GLY B 399 2.50 -4.26 13.42
CA GLY B 399 1.84 -5.21 12.49
C GLY B 399 2.74 -6.34 12.04
N PHE B 400 2.17 -7.30 11.31
CA PHE B 400 2.94 -8.38 10.67
C PHE B 400 4.09 -7.79 9.87
N GLY B 401 5.19 -8.52 9.84
CA GLY B 401 6.45 -8.09 9.22
C GLY B 401 7.23 -7.17 10.13
N GLY B 402 6.78 -7.01 11.36
CA GLY B 402 7.48 -6.14 12.33
C GLY B 402 7.37 -4.68 11.94
N THR B 403 6.27 -4.31 11.28
CA THR B 403 6.12 -2.91 10.81
C THR B 403 5.42 -2.07 11.91
N ASN B 404 6.03 -0.94 12.27
CA ASN B 404 5.56 -0.14 13.42
C ASN B 404 5.20 1.26 12.93
N GLY B 405 4.20 1.83 13.58
CA GLY B 405 3.85 3.23 13.38
C GLY B 405 3.40 3.85 14.67
N THR B 406 3.73 5.11 14.83
CA THR B 406 3.31 5.92 15.98
C THR B 406 2.91 7.30 15.45
N LEU B 407 1.76 7.79 15.89
CA LEU B 407 1.32 9.17 15.65
C LEU B 407 1.32 9.92 16.98
N VAL B 408 1.71 11.18 16.94
CA VAL B 408 1.70 12.09 18.12
C VAL B 408 0.74 13.22 17.77
N PHE B 409 -0.28 13.37 18.58
CA PHE B 409 -1.29 14.44 18.50
C PHE B 409 -1.11 15.35 19.72
N ARG B 410 -1.36 16.62 19.51
CA ARG B 410 -1.28 17.66 20.57
C ARG B 410 -2.56 18.51 20.56
N ARG B 411 -3.04 18.91 21.74
CA ARG B 411 -4.10 19.94 21.84
C ARG B 411 -3.73 21.15 21.00
N PHE B 412 -4.71 21.72 20.30
CA PHE B 412 -4.56 22.93 19.48
C PHE B 412 -5.38 24.07 20.10
N ALA B 413 -4.76 25.22 20.40
CA ALA B 413 -5.45 26.45 20.87
C ALA B 413 -4.71 27.70 20.36
N1 Q7E C . 21.59 -12.26 -5.51
C4 Q7E C . 21.30 -14.16 -4.24
C5 Q7E C . 21.35 -13.07 -3.36
C6 Q7E C . 21.54 -11.92 -4.19
N Q7E C . 21.43 -13.61 -5.55
C Q7E C . 23.75 -16.36 -9.06
O Q7E C . 21.32 -15.97 -8.95
C1 Q7E C . 22.57 -15.41 -8.68
C2 Q7E C . 22.66 -15.01 -7.20
C3 Q7E C . 21.33 -14.35 -6.82
S DMS D . 13.43 12.94 -4.74
O DMS D . 12.40 13.55 -3.85
C1 DMS D . 13.00 13.45 -6.38
C2 DMS D . 14.87 13.97 -4.62
S DMS E . 7.57 22.88 -26.20
O DMS E . 8.54 22.35 -27.25
C1 DMS E . 8.29 22.42 -24.62
C2 DMS E . 8.02 24.62 -26.17
S DMS F . -3.28 -24.66 0.73
O DMS F . -4.19 -24.63 1.93
C1 DMS F . -3.62 -26.17 -0.17
C2 DMS F . -1.69 -25.12 1.37
S DMS G . -22.29 10.57 0.25
O DMS G . -21.93 11.80 1.01
C1 DMS G . -23.96 10.88 -0.29
C2 DMS G . -21.48 10.60 -1.32
S DMS H . -16.13 24.12 -8.67
O DMS H . -15.14 25.26 -8.32
C1 DMS H . -17.46 24.36 -7.51
C2 DMS H . -16.92 24.71 -10.15
S DMS I . 3.86 16.10 10.00
O DMS I . 5.13 15.78 9.21
C1 DMS I . 3.84 14.98 11.40
C2 DMS I . 4.25 17.58 10.93
S DMS J . -17.79 -7.50 -7.66
O DMS J . -17.20 -8.87 -7.45
C1 DMS J . -19.49 -7.80 -8.12
C2 DMS J . -18.13 -6.81 -6.06
S DMS K . -21.53 12.88 9.66
O DMS K . -20.18 13.59 9.50
C1 DMS K . -21.25 11.41 10.59
C2 DMS K . -21.88 12.18 8.12
S DMS L . -20.86 -7.10 -3.06
O DMS L . -19.60 -6.64 -2.38
C1 DMS L . -22.15 -6.09 -2.41
C2 DMS L . -21.30 -8.65 -2.27
S DMS M . -17.75 19.22 -1.34
O DMS M . -17.05 20.35 -2.06
C1 DMS M . -19.07 18.66 -2.38
C2 DMS M . -18.76 19.94 -0.03
P PO4 N . -8.11 27.27 -1.43
O1 PO4 N . -8.76 27.62 -2.73
O2 PO4 N . -8.10 28.52 -0.49
O3 PO4 N . -8.87 26.14 -0.70
O4 PO4 N . -6.61 26.88 -1.65
#